data_5I7H
#
_entry.id   5I7H
#
_cell.length_a   64.591
_cell.length_b   76.089
_cell.length_c   80.716
_cell.angle_alpha   94.33
_cell.angle_beta   108.32
_cell.angle_gamma   107.66
#
_symmetry.space_group_name_H-M   'P 1'
#
loop_
_entity.id
_entity.type
_entity.pdbx_description
1 polymer 'O-phosphoserine sulfhydrylase'
2 non-polymer '3-{[(4-bromophenyl)carbamoyl]amino}benzoic acid'
3 non-polymer "PYRIDOXAL-5'-PHOSPHATE"
4 non-polymer 'CHLORIDE ION'
5 water water
#
_entity_poly.entity_id   1
_entity_poly.type   'polypeptide(L)'
_entity_poly.pdbx_seq_one_letter_code
;GSHMARYDSLLQALGNTPLVGLQRLSPRWDDGRDGPHVRLWAKLEDRNPTGSIKDRPAVRMIEQAEADGLLRPGATILEP
TSGNTGISLAMAARLKGYRLICVMPENTSVERRQLLELYGAQIIFSAAEGGSNTAVATAKELAATNPSWVMLYQYGNPAN
TDSHYCGTGPELLADLPEITHFVAGLGTTGTLMGTGRFLREHVANVKIVAAEPRYGEGVYALRNMDEGFVPELYDPEILT
ARYSVGAVDAVRRTRELVHTEGIFAGISTGAVLHAALGVGAGALAAGERADIALVVADAGWKYLSTGAYAGSLDDAETAL
EGQLWA
;
_entity_poly.pdbx_strand_id   A,B,C,D
#
# COMPACT_ATOMS: atom_id res chain seq x y z
N ARG A 6 4.61 -12.58 15.86
CA ARG A 6 3.89 -12.69 17.17
C ARG A 6 3.53 -11.32 17.72
N TYR A 7 2.61 -11.33 18.68
CA TYR A 7 1.90 -10.15 19.05
C TYR A 7 1.87 -10.04 20.56
N ASP A 8 1.67 -8.83 21.05
CA ASP A 8 1.55 -8.57 22.48
C ASP A 8 0.10 -8.49 22.85
N SER A 9 -0.79 -8.50 21.87
CA SER A 9 -2.23 -8.44 22.11
C SER A 9 -3.03 -9.15 21.02
N LEU A 10 -4.22 -9.61 21.37
CA LEU A 10 -5.12 -10.16 20.36
C LEU A 10 -5.43 -9.13 19.26
N LEU A 11 -5.56 -7.86 19.65
CA LEU A 11 -5.89 -6.74 18.74
C LEU A 11 -4.91 -6.62 17.58
N GLN A 12 -3.67 -7.06 17.79
CA GLN A 12 -2.70 -7.04 16.72
C GLN A 12 -2.85 -8.21 15.77
N ALA A 13 -3.55 -9.27 16.18
CA ALA A 13 -3.66 -10.46 15.35
C ALA A 13 -4.87 -10.31 14.46
N LEU A 14 -4.92 -9.18 13.76
CA LEU A 14 -6.10 -8.67 13.09
C LEU A 14 -5.65 -8.31 11.71
N GLY A 15 -6.44 -8.67 10.72
CA GLY A 15 -6.09 -8.44 9.34
C GLY A 15 -5.08 -9.46 8.84
N ASN A 16 -4.44 -9.11 7.73
CA ASN A 16 -3.70 -10.05 6.93
C ASN A 16 -4.37 -11.36 6.78
N THR A 17 -5.65 -11.30 6.46
CA THR A 17 -6.44 -12.50 6.27
C THR A 17 -6.15 -13.19 4.95
N PRO A 18 -6.36 -14.50 4.93
CA PRO A 18 -5.98 -15.26 3.76
C PRO A 18 -6.95 -15.12 2.57
N LEU A 19 -6.43 -15.49 1.40
CA LEU A 19 -7.19 -15.45 0.16
C LEU A 19 -7.17 -16.85 -0.40
N VAL A 20 -8.36 -17.39 -0.66
CA VAL A 20 -8.51 -18.78 -1.08
C VAL A 20 -9.27 -18.93 -2.40
N GLY A 21 -8.59 -19.53 -3.35
CA GLY A 21 -9.17 -19.87 -4.64
C GLY A 21 -10.31 -20.83 -4.46
N LEU A 22 -11.41 -20.56 -5.12
CA LEU A 22 -12.53 -21.47 -5.09
C LEU A 22 -12.54 -22.14 -6.42
N GLN A 23 -11.76 -23.21 -6.51
CA GLN A 23 -11.60 -23.94 -7.76
C GLN A 23 -12.84 -24.65 -8.23
N ARG A 24 -13.61 -25.20 -7.30
CA ARG A 24 -14.72 -26.05 -7.69
C ARG A 24 -15.90 -25.18 -8.07
N LEU A 25 -15.99 -24.00 -7.46
CA LEU A 25 -17.16 -23.15 -7.62
C LEU A 25 -16.99 -22.08 -8.70
N SER A 26 -15.77 -21.85 -9.15
CA SER A 26 -15.48 -20.88 -10.20
C SER A 26 -16.11 -21.31 -11.52
N PRO A 27 -16.66 -20.37 -12.31
CA PRO A 27 -17.15 -20.74 -13.65
C PRO A 27 -16.12 -21.42 -14.57
N ARG A 28 -14.83 -21.08 -14.43
CA ARG A 28 -13.76 -21.77 -15.15
C ARG A 28 -12.42 -21.41 -14.51
N TRP A 29 -11.83 -22.37 -13.78
CA TRP A 29 -10.59 -22.15 -13.05
C TRP A 29 -9.36 -22.06 -13.98
N ASP A 30 -9.27 -22.99 -14.93
CA ASP A 30 -8.12 -23.04 -15.82
C ASP A 30 -8.42 -22.40 -17.17
N ASP A 31 -7.41 -21.79 -17.77
CA ASP A 31 -7.53 -21.27 -19.11
C ASP A 31 -7.53 -22.48 -20.03
N GLY A 32 -8.48 -22.49 -20.96
CA GLY A 32 -8.62 -23.61 -21.88
C GLY A 32 -8.90 -23.14 -23.29
N ARG A 33 -9.03 -24.11 -24.17
CA ARG A 33 -9.40 -23.84 -25.53
C ARG A 33 -10.81 -23.24 -25.59
N ASP A 34 -11.62 -23.49 -24.57
CA ASP A 34 -12.98 -22.92 -24.49
C ASP A 34 -13.03 -21.42 -24.09
N GLY A 35 -11.91 -20.84 -23.66
CA GLY A 35 -11.86 -19.44 -23.23
C GLY A 35 -10.94 -19.13 -22.05
N PRO A 36 -10.89 -17.87 -21.61
CA PRO A 36 -10.05 -17.55 -20.44
C PRO A 36 -10.72 -17.88 -19.07
N HIS A 37 -9.92 -17.84 -18.00
CA HIS A 37 -10.43 -18.27 -16.72
C HIS A 37 -11.32 -17.22 -16.12
N VAL A 38 -12.27 -17.72 -15.33
CA VAL A 38 -13.12 -16.88 -14.55
C VAL A 38 -13.08 -17.45 -13.15
N ARG A 39 -12.28 -16.82 -12.28
CA ARG A 39 -12.00 -17.37 -10.97
C ARG A 39 -12.62 -16.56 -9.85
N LEU A 40 -13.17 -17.28 -8.85
CA LEU A 40 -13.57 -16.67 -7.58
C LEU A 40 -12.48 -16.92 -6.52
N TRP A 41 -12.07 -15.85 -5.86
CA TRP A 41 -11.17 -15.92 -4.70
C TRP A 41 -11.87 -15.39 -3.46
N ALA A 42 -11.91 -16.20 -2.40
CA ALA A 42 -12.58 -15.80 -1.18
C ALA A 42 -11.55 -15.33 -0.16
N LYS A 43 -11.84 -14.20 0.48
CA LYS A 43 -10.98 -13.61 1.50
C LYS A 43 -11.62 -13.83 2.86
N LEU A 44 -10.96 -14.57 3.74
CA LEU A 44 -11.59 -15.16 4.95
C LEU A 44 -11.56 -14.26 6.17
N GLU A 45 -12.58 -13.39 6.28
CA GLU A 45 -12.56 -12.35 7.30
C GLU A 45 -13.07 -12.86 8.66
N ASP A 46 -13.64 -14.06 8.70
CA ASP A 46 -13.88 -14.74 9.97
C ASP A 46 -12.57 -14.92 10.76
N ARG A 47 -11.44 -14.82 10.07
CA ARG A 47 -10.12 -15.00 10.68
C ARG A 47 -9.58 -13.72 11.29
N ASN A 48 -10.35 -13.19 12.22
CA ASN A 48 -10.01 -11.98 12.92
C ASN A 48 -10.36 -12.29 14.37
N PRO A 49 -9.92 -11.46 15.31
CA PRO A 49 -10.07 -11.71 16.73
C PRO A 49 -11.47 -12.19 17.20
N THR A 50 -12.56 -11.64 16.70
CA THR A 50 -13.87 -12.05 17.14
C THR A 50 -14.66 -12.76 16.10
N GLY A 51 -14.11 -13.05 14.94
CA GLY A 51 -14.87 -13.81 13.94
C GLY A 51 -15.47 -13.05 12.77
N SER A 52 -15.20 -11.76 12.66
CA SER A 52 -15.78 -11.04 11.55
C SER A 52 -14.93 -9.88 11.13
N ILE A 53 -15.18 -9.46 9.90
CA ILE A 53 -14.58 -8.28 9.34
C ILE A 53 -14.70 -7.03 10.23
N LYS A 54 -15.78 -6.95 11.01
CA LYS A 54 -15.97 -5.80 11.88
C LYS A 54 -14.82 -5.50 12.83
N ASP A 55 -13.96 -6.46 13.15
CA ASP A 55 -12.80 -6.14 14.00
C ASP A 55 -11.93 -4.99 13.38
N ARG A 56 -11.80 -4.94 12.07
CA ARG A 56 -11.06 -3.84 11.43
C ARG A 56 -11.57 -2.42 11.80
N PRO A 57 -12.76 -2.02 11.31
CA PRO A 57 -13.33 -0.68 11.65
C PRO A 57 -13.47 -0.42 13.15
N ALA A 58 -13.90 -1.40 13.91
CA ALA A 58 -14.08 -1.24 15.36
C ALA A 58 -12.81 -0.83 16.02
N VAL A 59 -11.78 -1.63 15.80
CA VAL A 59 -10.49 -1.33 16.40
C VAL A 59 -9.98 0.00 15.94
N ARG A 60 -10.12 0.28 14.66
CA ARG A 60 -9.56 1.50 14.16
C ARG A 60 -10.37 2.69 14.68
N MET A 61 -11.67 2.54 14.87
CA MET A 61 -12.51 3.60 15.42
C MET A 61 -12.16 3.95 16.87
N ILE A 62 -11.80 2.94 17.64
CA ILE A 62 -11.51 3.14 19.03
C ILE A 62 -10.14 3.77 19.14
N GLU A 63 -9.16 3.20 18.46
CA GLU A 63 -7.87 3.81 18.43
C GLU A 63 -7.97 5.25 17.95
N GLN A 64 -8.76 5.50 16.90
CA GLN A 64 -8.89 6.88 16.37
C GLN A 64 -9.46 7.92 17.33
N ALA A 65 -10.43 7.53 18.17
CA ALA A 65 -11.03 8.42 19.17
C ALA A 65 -10.10 8.56 20.36
N GLU A 66 -9.45 7.45 20.74
CA GLU A 66 -8.38 7.52 21.70
C GLU A 66 -7.41 8.63 21.30
N ALA A 67 -6.85 8.53 20.10
CA ALA A 67 -5.93 9.55 19.59
C ALA A 67 -6.56 10.96 19.50
N ASP A 68 -7.85 11.07 19.19
CA ASP A 68 -8.52 12.39 19.18
C ASP A 68 -8.76 12.93 20.60
N GLY A 69 -8.45 12.12 21.62
CA GLY A 69 -8.64 12.52 23.02
C GLY A 69 -10.09 12.55 23.49
N LEU A 70 -10.96 11.78 22.84
CA LEU A 70 -12.38 11.71 23.20
C LEU A 70 -12.71 10.59 24.20
N LEU A 71 -11.75 9.68 24.48
CA LEU A 71 -11.96 8.60 25.45
C LEU A 71 -11.04 8.72 26.65
N ARG A 72 -11.57 8.42 27.83
CA ARG A 72 -10.77 8.34 29.05
C ARG A 72 -11.14 7.00 29.69
N PRO A 73 -10.23 6.35 30.45
CA PRO A 73 -10.64 5.03 30.95
C PRO A 73 -11.91 5.06 31.76
N GLY A 74 -12.68 3.97 31.67
CA GLY A 74 -13.91 3.80 32.39
C GLY A 74 -15.07 4.44 31.67
N ALA A 75 -14.83 4.92 30.47
CA ALA A 75 -15.83 5.75 29.80
C ALA A 75 -16.86 4.85 29.09
N THR A 76 -18.05 5.37 28.81
CA THR A 76 -19.06 4.55 28.16
C THR A 76 -19.12 4.77 26.65
N ILE A 77 -19.05 3.67 25.92
CA ILE A 77 -19.10 3.69 24.49
C ILE A 77 -20.49 3.20 24.11
N LEU A 78 -21.08 3.82 23.08
CA LEU A 78 -22.44 3.43 22.66
C LEU A 78 -22.49 3.25 21.18
N GLU A 79 -23.00 2.11 20.72
CA GLU A 79 -23.06 1.86 19.28
C GLU A 79 -24.31 1.08 18.90
N PRO A 80 -25.03 1.55 17.86
CA PRO A 80 -26.06 0.73 17.26
C PRO A 80 -25.44 -0.31 16.32
N THR A 81 -25.89 -1.54 16.45
CA THR A 81 -25.30 -2.63 15.71
C THR A 81 -26.30 -3.75 15.57
N SER A 82 -26.17 -4.52 14.50
CA SER A 82 -26.97 -5.71 14.29
C SER A 82 -26.25 -6.94 14.87
N GLY A 83 -24.99 -6.79 15.29
CA GLY A 83 -24.24 -7.83 16.01
C GLY A 83 -22.73 -7.75 15.97
N ASN A 84 -22.18 -7.72 14.76
CA ASN A 84 -20.74 -7.94 14.61
C ASN A 84 -19.85 -6.81 15.15
N THR A 85 -20.21 -5.59 14.83
CA THR A 85 -19.52 -4.43 15.37
C THR A 85 -19.61 -4.33 16.89
N GLY A 86 -20.78 -4.64 17.45
CA GLY A 86 -20.93 -4.66 18.90
C GLY A 86 -20.00 -5.67 19.55
N ILE A 87 -19.88 -6.86 18.95
CA ILE A 87 -18.99 -7.89 19.46
C ILE A 87 -17.55 -7.43 19.37
N SER A 88 -17.16 -6.91 18.20
CA SER A 88 -15.82 -6.38 18.03
C SER A 88 -15.53 -5.33 19.12
N LEU A 89 -16.40 -4.32 19.17
CA LEU A 89 -16.26 -3.22 20.12
C LEU A 89 -16.21 -3.68 21.58
N ALA A 90 -16.97 -4.73 21.90
CA ALA A 90 -17.08 -5.22 23.24
C ALA A 90 -15.75 -5.80 23.67
N MET A 91 -15.18 -6.60 22.78
CA MET A 91 -13.87 -7.20 22.99
C MET A 91 -12.85 -6.13 23.28
N ALA A 92 -12.80 -5.13 22.43
CA ALA A 92 -11.84 -4.03 22.55
C ALA A 92 -12.07 -3.12 23.77
N ALA A 93 -13.34 -2.87 24.12
CA ALA A 93 -13.65 -2.10 25.32
C ALA A 93 -13.26 -2.84 26.62
N ARG A 94 -13.27 -4.18 26.62
CA ARG A 94 -12.88 -4.94 27.79
C ARG A 94 -11.38 -4.68 28.03
N LEU A 95 -10.58 -4.98 27.02
CA LEU A 95 -9.12 -4.82 27.11
C LEU A 95 -8.69 -3.38 27.39
N LYS A 96 -9.40 -2.41 26.84
CA LYS A 96 -8.98 -1.03 26.99
C LYS A 96 -9.57 -0.40 28.25
N GLY A 97 -10.50 -1.09 28.89
CA GLY A 97 -11.14 -0.56 30.09
C GLY A 97 -12.31 0.39 29.84
N TYR A 98 -13.04 0.19 28.76
CA TYR A 98 -14.27 0.96 28.53
C TYR A 98 -15.51 0.13 28.72
N ARG A 99 -16.61 0.80 29.02
CA ARG A 99 -17.92 0.15 29.07
C ARG A 99 -18.53 0.22 27.68
N LEU A 100 -19.29 -0.79 27.30
CA LEU A 100 -20.00 -0.77 26.05
C LEU A 100 -21.51 -1.00 26.20
N ILE A 101 -22.27 -0.19 25.48
CA ILE A 101 -23.70 -0.38 25.34
C ILE A 101 -24.01 -0.47 23.86
N CYS A 102 -24.66 -1.56 23.47
CA CYS A 102 -25.12 -1.76 22.10
C CYS A 102 -26.60 -1.54 22.04
N VAL A 103 -27.05 -0.95 20.93
CA VAL A 103 -28.45 -0.82 20.65
C VAL A 103 -28.68 -1.74 19.50
N MET A 104 -29.54 -2.73 19.67
CA MET A 104 -29.61 -3.82 18.71
C MET A 104 -31.07 -4.14 18.38
N PRO A 105 -31.36 -4.62 17.15
CA PRO A 105 -32.68 -5.15 16.94
C PRO A 105 -32.91 -6.46 17.69
N GLU A 106 -34.16 -6.73 18.04
CA GLU A 106 -34.52 -7.90 18.84
C GLU A 106 -34.56 -9.21 18.02
N ASN A 107 -34.81 -9.10 16.73
CA ASN A 107 -34.84 -10.27 15.87
C ASN A 107 -33.41 -10.69 15.50
N THR A 108 -32.54 -10.85 16.49
CA THR A 108 -31.16 -11.24 16.24
C THR A 108 -30.91 -12.61 16.80
N SER A 109 -29.89 -13.28 16.28
CA SER A 109 -29.56 -14.63 16.71
C SER A 109 -29.08 -14.59 18.15
N VAL A 110 -29.52 -15.57 18.94
CA VAL A 110 -29.09 -15.70 20.35
C VAL A 110 -27.56 -15.75 20.55
N GLU A 111 -26.84 -16.33 19.57
CA GLU A 111 -25.38 -16.45 19.65
C GLU A 111 -24.73 -15.07 19.79
N ARG A 112 -25.31 -14.07 19.14
CA ARG A 112 -24.80 -12.71 19.24
C ARG A 112 -24.95 -12.18 20.64
N ARG A 113 -26.15 -12.38 21.18
CA ARG A 113 -26.43 -11.98 22.53
C ARG A 113 -25.41 -12.59 23.51
N GLN A 114 -25.06 -13.85 23.32
CA GLN A 114 -24.30 -14.56 24.34
C GLN A 114 -22.85 -14.14 24.30
N LEU A 115 -22.43 -13.69 23.13
CA LEU A 115 -21.07 -13.23 22.93
C LEU A 115 -20.97 -11.81 23.44
N LEU A 116 -21.97 -11.00 23.13
CA LEU A 116 -22.05 -9.69 23.72
C LEU A 116 -22.02 -9.79 25.24
N GLU A 117 -22.82 -10.69 25.80
CA GLU A 117 -22.88 -10.83 27.24
C GLU A 117 -21.54 -11.29 27.76
N LEU A 118 -20.97 -12.28 27.09
CA LEU A 118 -19.68 -12.84 27.47
C LEU A 118 -18.60 -11.77 27.52
N TYR A 119 -18.53 -10.94 26.49
CA TYR A 119 -17.60 -9.83 26.48
C TYR A 119 -17.96 -8.68 27.43
N GLY A 120 -19.13 -8.76 28.05
CA GLY A 120 -19.51 -7.85 29.11
C GLY A 120 -20.25 -6.63 28.58
N ALA A 121 -20.72 -6.71 27.34
CA ALA A 121 -21.51 -5.64 26.76
C ALA A 121 -22.89 -5.58 27.40
N GLN A 122 -23.42 -4.37 27.55
CA GLN A 122 -24.84 -4.21 27.90
C GLN A 122 -25.64 -4.12 26.60
N ILE A 123 -26.78 -4.77 26.57
CA ILE A 123 -27.63 -4.73 25.39
C ILE A 123 -28.95 -4.06 25.70
N ILE A 124 -29.31 -3.09 24.86
CA ILE A 124 -30.61 -2.43 24.83
C ILE A 124 -31.30 -2.91 23.55
N PHE A 125 -32.43 -3.61 23.65
CA PHE A 125 -33.12 -4.07 22.44
C PHE A 125 -34.21 -3.07 22.05
N ALA A 135 -33.04 1.73 15.77
CA ALA A 135 -31.85 1.44 16.60
C ALA A 135 -30.71 2.48 16.48
N VAL A 136 -30.55 3.02 15.28
CA VAL A 136 -29.70 4.19 15.11
C VAL A 136 -30.36 5.37 15.76
N ALA A 137 -31.65 5.53 15.51
CA ALA A 137 -32.38 6.67 16.14
C ALA A 137 -32.33 6.56 17.65
N THR A 138 -32.77 5.44 18.20
CA THR A 138 -32.61 5.16 19.62
C THR A 138 -31.22 5.53 20.11
N ALA A 139 -30.18 5.01 19.44
CA ALA A 139 -28.80 5.28 19.86
C ALA A 139 -28.49 6.76 19.86
N LYS A 140 -28.91 7.44 18.78
CA LYS A 140 -28.74 8.89 18.67
C LYS A 140 -29.43 9.64 19.80
N GLU A 141 -30.66 9.24 20.15
CA GLU A 141 -31.36 9.89 21.23
C GLU A 141 -30.54 9.72 22.53
N LEU A 142 -30.19 8.49 22.89
CA LEU A 142 -29.45 8.25 24.15
C LEU A 142 -28.12 9.02 24.22
N ALA A 143 -27.39 9.07 23.12
CA ALA A 143 -26.19 9.89 23.01
C ALA A 143 -26.45 11.38 23.16
N ALA A 144 -27.62 11.83 22.76
CA ALA A 144 -27.92 13.22 22.96
C ALA A 144 -28.21 13.44 24.44
N THR A 145 -28.76 12.43 25.08
CA THR A 145 -29.11 12.53 26.48
C THR A 145 -27.89 12.39 27.39
N ASN A 146 -26.85 11.73 26.89
CA ASN A 146 -25.67 11.47 27.69
C ASN A 146 -24.39 11.95 27.01
N PRO A 147 -24.15 13.25 27.09
CA PRO A 147 -23.00 13.80 26.36
C PRO A 147 -21.66 13.19 26.81
N SER A 148 -21.62 12.51 27.96
CA SER A 148 -20.45 11.74 28.41
C SER A 148 -20.05 10.61 27.48
N TRP A 149 -21.07 9.97 26.90
CA TRP A 149 -20.89 8.74 26.12
C TRP A 149 -20.23 9.10 24.80
N VAL A 150 -19.55 8.10 24.24
CA VAL A 150 -18.91 8.22 22.97
C VAL A 150 -19.62 7.26 22.05
N MET A 151 -20.21 7.82 20.98
CA MET A 151 -20.83 7.01 19.94
C MET A 151 -19.94 7.16 18.75
N LEU A 152 -19.14 6.13 18.54
CA LEU A 152 -18.17 6.09 17.45
C LEU A 152 -18.92 6.20 16.12
N TYR A 153 -20.07 5.53 16.01
CA TYR A 153 -20.99 5.63 14.84
C TYR A 153 -20.39 5.07 13.54
N GLN A 154 -20.49 3.76 13.39
CA GLN A 154 -19.93 3.07 12.23
C GLN A 154 -20.55 3.45 10.90
N TYR A 155 -21.70 4.10 10.90
CA TYR A 155 -22.35 4.47 9.64
C TYR A 155 -21.76 5.75 9.08
N GLY A 156 -21.05 6.49 9.94
CA GLY A 156 -20.47 7.76 9.50
C GLY A 156 -19.03 8.05 9.84
N ASN A 157 -18.38 7.17 10.58
CA ASN A 157 -17.06 7.41 11.10
C ASN A 157 -16.06 7.14 10.00
N PRO A 158 -15.29 8.15 9.62
CA PRO A 158 -14.32 7.92 8.55
C PRO A 158 -13.35 6.75 8.81
N ALA A 159 -13.17 6.39 10.07
CA ALA A 159 -12.19 5.36 10.39
C ALA A 159 -12.68 3.97 9.96
N ASN A 160 -13.99 3.84 9.75
CA ASN A 160 -14.57 2.63 9.16
C ASN A 160 -14.04 2.45 7.77
N THR A 161 -14.22 3.47 6.94
CA THR A 161 -13.70 3.44 5.58
C THR A 161 -12.16 3.29 5.56
N ASP A 162 -11.46 3.91 6.50
CA ASP A 162 -9.99 3.87 6.49
C ASP A 162 -9.46 2.46 6.77
N SER A 163 -10.09 1.76 7.71
CA SER A 163 -9.65 0.41 8.07
C SER A 163 -9.57 -0.47 6.84
N HIS A 164 -10.45 -0.18 5.88
CA HIS A 164 -10.53 -0.92 4.63
C HIS A 164 -9.63 -0.38 3.55
N TYR A 165 -9.59 0.94 3.42
CA TYR A 165 -8.66 1.59 2.51
C TYR A 165 -7.20 1.20 2.86
N CYS A 166 -6.89 1.28 4.17
CA CYS A 166 -5.54 1.04 4.66
C CYS A 166 -5.22 -0.42 4.99
N GLY A 167 -6.23 -1.31 5.10
CA GLY A 167 -5.99 -2.73 5.50
C GLY A 167 -6.46 -3.79 4.49
N THR A 168 -7.78 -3.94 4.34
CA THR A 168 -8.36 -4.90 3.41
C THR A 168 -7.87 -4.72 1.95
N GLY A 169 -8.02 -3.50 1.45
CA GLY A 169 -7.72 -3.22 0.06
C GLY A 169 -6.31 -3.56 -0.38
N PRO A 170 -5.32 -2.98 0.29
CA PRO A 170 -3.89 -3.28 0.09
C PRO A 170 -3.56 -4.78 0.13
N GLU A 171 -4.07 -5.48 1.13
CA GLU A 171 -3.85 -6.91 1.25
C GLU A 171 -4.38 -7.63 0.02
N LEU A 172 -5.55 -7.19 -0.43
CA LEU A 172 -6.21 -7.85 -1.54
C LEU A 172 -5.41 -7.62 -2.78
N LEU A 173 -4.93 -6.40 -2.92
CA LEU A 173 -4.11 -6.09 -4.07
C LEU A 173 -2.82 -6.94 -4.05
N ALA A 174 -2.20 -7.08 -2.87
CA ALA A 174 -0.97 -7.83 -2.73
C ALA A 174 -1.18 -9.27 -3.08
N ASP A 175 -2.31 -9.84 -2.72
CA ASP A 175 -2.55 -11.23 -3.01
C ASP A 175 -3.16 -11.48 -4.37
N LEU A 176 -3.88 -10.49 -4.89
CA LEU A 176 -4.53 -10.65 -6.18
C LEU A 176 -4.24 -9.45 -7.08
N PRO A 177 -2.97 -9.30 -7.48
CA PRO A 177 -2.73 -8.20 -8.43
C PRO A 177 -3.49 -8.31 -9.76
N GLU A 178 -3.89 -9.51 -10.20
CA GLU A 178 -4.62 -9.62 -11.47
C GLU A 178 -6.12 -9.35 -11.35
N ILE A 179 -6.52 -8.77 -10.22
CA ILE A 179 -7.93 -8.57 -9.89
C ILE A 179 -8.73 -7.84 -10.98
N THR A 180 -9.99 -8.23 -11.16
CA THR A 180 -10.90 -7.54 -12.07
C THR A 180 -12.14 -6.99 -11.34
N HIS A 181 -12.59 -7.73 -10.34
CA HIS A 181 -13.77 -7.34 -9.59
C HIS A 181 -13.59 -7.61 -8.12
N PHE A 182 -14.22 -6.76 -7.29
CA PHE A 182 -14.31 -6.95 -5.84
C PHE A 182 -15.77 -7.05 -5.44
N VAL A 183 -16.16 -8.14 -4.75
CA VAL A 183 -17.57 -8.33 -4.33
C VAL A 183 -17.68 -8.33 -2.81
N ALA A 184 -18.46 -7.39 -2.30
CA ALA A 184 -18.71 -7.30 -0.89
C ALA A 184 -20.15 -6.91 -0.62
N GLY A 185 -20.53 -7.12 0.63
CA GLY A 185 -21.85 -6.74 1.11
C GLY A 185 -21.85 -5.27 1.40
N LEU A 186 -23.03 -4.70 1.38
CA LEU A 186 -23.18 -3.26 1.55
C LEU A 186 -24.11 -3.05 2.71
N GLY A 187 -23.54 -2.66 3.85
CA GLY A 187 -24.32 -2.28 5.04
C GLY A 187 -24.01 -0.87 5.49
N THR A 188 -23.08 -0.72 6.42
CA THR A 188 -22.52 0.62 6.78
C THR A 188 -21.85 1.28 5.57
N THR A 189 -21.44 0.39 4.66
CA THR A 189 -20.81 0.68 3.36
C THR A 189 -19.33 0.83 3.47
N GLY A 190 -18.78 0.78 4.69
CA GLY A 190 -17.34 0.91 4.91
C GLY A 190 -16.48 0.01 4.06
N THR A 191 -16.87 -1.26 3.97
CA THR A 191 -16.07 -2.26 3.26
C THR A 191 -15.92 -1.88 1.81
N LEU A 192 -17.04 -1.63 1.13
CA LEU A 192 -17.01 -1.26 -0.29
C LEU A 192 -16.43 0.17 -0.53
N MET A 193 -16.75 1.13 0.32
CA MET A 193 -16.19 2.45 0.13
C MET A 193 -14.67 2.45 0.33
N GLY A 194 -14.17 1.88 1.41
CA GLY A 194 -12.72 1.79 1.66
C GLY A 194 -11.95 0.94 0.64
N THR A 195 -12.24 -0.36 0.59
CA THR A 195 -11.63 -1.27 -0.37
C THR A 195 -11.81 -0.82 -1.83
N GLY A 196 -13.00 -0.36 -2.15
CA GLY A 196 -13.36 -0.02 -3.52
C GLY A 196 -12.62 1.20 -3.97
N ARG A 197 -12.63 2.26 -3.18
CA ARG A 197 -11.87 3.46 -3.55
C ARG A 197 -10.35 3.16 -3.69
N PHE A 198 -9.79 2.38 -2.78
CA PHE A 198 -8.37 1.99 -2.88
C PHE A 198 -8.14 1.25 -4.16
N LEU A 199 -8.98 0.26 -4.46
CA LEU A 199 -8.85 -0.51 -5.69
C LEU A 199 -8.99 0.35 -6.97
N ARG A 200 -9.92 1.29 -6.96
CA ARG A 200 -10.15 2.11 -8.13
C ARG A 200 -9.03 3.09 -8.27
N GLU A 201 -8.40 3.40 -7.15
CA GLU A 201 -7.26 4.27 -7.20
C GLU A 201 -6.01 3.57 -7.67
N HIS A 202 -5.99 2.24 -7.71
CA HIS A 202 -4.76 1.52 -8.12
C HIS A 202 -4.90 0.58 -9.34
N VAL A 203 -6.13 0.26 -9.72
CA VAL A 203 -6.40 -0.79 -10.70
C VAL A 203 -7.45 -0.29 -11.68
N ALA A 204 -7.01 -0.02 -12.91
CA ALA A 204 -7.83 0.58 -13.95
C ALA A 204 -8.86 -0.37 -14.48
N ASN A 205 -10.05 0.16 -14.71
CA ASN A 205 -11.20 -0.61 -15.11
C ASN A 205 -11.59 -1.70 -14.11
N VAL A 206 -11.17 -1.56 -12.85
CA VAL A 206 -11.58 -2.51 -11.83
C VAL A 206 -13.10 -2.35 -11.53
N LYS A 207 -13.80 -3.46 -11.32
CA LYS A 207 -15.24 -3.43 -10.96
C LYS A 207 -15.46 -3.59 -9.46
N ILE A 208 -16.28 -2.69 -8.89
CA ILE A 208 -16.70 -2.73 -7.47
C ILE A 208 -18.21 -3.02 -7.35
N VAL A 209 -18.54 -4.17 -6.77
CA VAL A 209 -19.89 -4.76 -6.82
C VAL A 209 -20.49 -4.98 -5.44
N ALA A 210 -21.66 -4.40 -5.21
CA ALA A 210 -22.35 -4.58 -3.97
C ALA A 210 -23.34 -5.71 -4.12
N ALA A 211 -23.69 -6.28 -2.96
CA ALA A 211 -24.88 -7.09 -2.82
C ALA A 211 -25.58 -6.58 -1.56
N GLU A 212 -26.87 -6.31 -1.68
CA GLU A 212 -27.64 -5.87 -0.54
C GLU A 212 -28.91 -6.69 -0.43
N PRO A 213 -29.58 -6.64 0.72
CA PRO A 213 -30.84 -7.35 0.84
C PRO A 213 -31.92 -6.78 -0.10
N ARG A 214 -32.79 -7.65 -0.59
CA ARG A 214 -33.83 -7.29 -1.55
C ARG A 214 -34.89 -6.38 -0.93
N VAL A 230 -29.76 5.90 4.41
CA VAL A 230 -28.45 5.89 3.71
C VAL A 230 -27.25 6.41 4.55
N PRO A 231 -26.32 5.51 5.01
CA PRO A 231 -25.22 6.00 5.86
C PRO A 231 -24.49 7.19 5.28
N GLU A 232 -23.68 7.84 6.09
CA GLU A 232 -22.94 9.04 5.66
C GLU A 232 -21.64 8.69 4.95
N LEU A 233 -21.15 7.49 5.16
CA LEU A 233 -19.96 7.04 4.46
C LEU A 233 -20.21 6.74 3.00
N TYR A 234 -21.46 6.58 2.59
CA TYR A 234 -21.75 6.14 1.20
C TYR A 234 -21.32 7.15 0.16
N ASP A 235 -20.50 6.69 -0.78
CA ASP A 235 -20.16 7.47 -1.97
C ASP A 235 -20.75 6.79 -3.21
N PRO A 236 -21.65 7.51 -3.92
CA PRO A 236 -22.30 6.98 -5.12
C PRO A 236 -21.39 6.80 -6.33
N GLU A 237 -20.22 7.39 -6.31
CA GLU A 237 -19.33 7.34 -7.46
C GLU A 237 -18.65 5.96 -7.50
N ILE A 238 -18.56 5.29 -6.34
CA ILE A 238 -17.72 4.12 -6.19
C ILE A 238 -18.28 2.86 -6.83
N LEU A 239 -19.52 2.49 -6.53
CA LEU A 239 -20.06 1.24 -7.02
C LEU A 239 -20.18 1.23 -8.50
N THR A 240 -19.76 0.11 -9.08
CA THR A 240 -19.97 -0.28 -10.46
C THR A 240 -21.29 -1.03 -10.67
N ALA A 241 -21.71 -1.74 -9.63
CA ALA A 241 -22.82 -2.65 -9.74
C ALA A 241 -23.43 -2.89 -8.36
N ARG A 242 -24.68 -3.33 -8.38
CA ARG A 242 -25.50 -3.47 -7.19
C ARG A 242 -26.53 -4.52 -7.48
N TYR A 243 -26.33 -5.70 -6.94
CA TYR A 243 -27.31 -6.77 -7.03
C TYR A 243 -28.16 -6.68 -5.77
N SER A 244 -29.47 -6.83 -5.89
CA SER A 244 -30.31 -7.10 -4.72
C SER A 244 -30.44 -8.61 -4.60
N VAL A 245 -30.37 -9.14 -3.39
CA VAL A 245 -30.32 -10.58 -3.27
C VAL A 245 -31.32 -10.94 -2.20
N GLY A 246 -32.19 -11.90 -2.53
CA GLY A 246 -33.18 -12.41 -1.58
C GLY A 246 -32.59 -13.37 -0.56
N ALA A 247 -33.30 -13.50 0.55
CA ALA A 247 -32.80 -14.27 1.67
C ALA A 247 -32.68 -15.73 1.31
N VAL A 248 -33.62 -16.25 0.54
CA VAL A 248 -33.57 -17.66 0.13
C VAL A 248 -32.38 -17.90 -0.76
N ASP A 249 -32.17 -17.04 -1.74
CA ASP A 249 -30.93 -17.19 -2.54
C ASP A 249 -29.64 -17.17 -1.68
N ALA A 250 -29.52 -16.19 -0.78
CA ALA A 250 -28.37 -16.10 0.17
C ALA A 250 -28.13 -17.42 0.95
N VAL A 251 -29.15 -17.88 1.66
CA VAL A 251 -29.05 -19.14 2.43
C VAL A 251 -28.60 -20.29 1.52
N ARG A 252 -29.36 -20.54 0.46
CA ARG A 252 -29.05 -21.57 -0.54
C ARG A 252 -27.57 -21.51 -0.91
N ARG A 253 -27.09 -20.32 -1.26
CA ARG A 253 -25.69 -20.12 -1.69
C ARG A 253 -24.60 -20.36 -0.65
N THR A 254 -24.94 -20.10 0.60
CA THR A 254 -24.05 -20.34 1.72
C THR A 254 -23.79 -21.83 1.85
N ARG A 255 -24.86 -22.60 1.68
CA ARG A 255 -24.82 -24.06 1.79
C ARG A 255 -23.98 -24.61 0.63
N GLU A 256 -24.21 -24.09 -0.55
CA GLU A 256 -23.45 -24.50 -1.72
C GLU A 256 -21.97 -24.28 -1.42
N LEU A 257 -21.63 -23.16 -0.78
CA LEU A 257 -20.24 -22.79 -0.55
C LEU A 257 -19.58 -23.76 0.40
N VAL A 258 -20.33 -24.16 1.41
CA VAL A 258 -19.77 -25.08 2.36
C VAL A 258 -19.74 -26.51 1.82
N HIS A 259 -20.72 -26.88 0.99
CA HIS A 259 -20.72 -28.18 0.32
C HIS A 259 -19.60 -28.31 -0.68
N THR A 260 -19.29 -27.21 -1.34
CA THR A 260 -18.46 -27.30 -2.52
C THR A 260 -17.02 -26.85 -2.29
N GLU A 261 -16.81 -25.85 -1.43
CA GLU A 261 -15.46 -25.42 -1.02
C GLU A 261 -15.05 -25.71 0.44
N GLY A 262 -16.00 -26.10 1.29
CA GLY A 262 -15.69 -26.36 2.70
C GLY A 262 -15.79 -25.14 3.60
N ILE A 263 -16.11 -24.00 3.01
CA ILE A 263 -16.08 -22.78 3.74
C ILE A 263 -17.39 -22.59 4.51
N PHE A 264 -17.28 -22.55 5.83
CA PHE A 264 -18.42 -22.42 6.73
C PHE A 264 -18.75 -20.96 6.97
N ALA A 265 -19.40 -20.33 6.00
CA ALA A 265 -19.58 -18.88 6.01
C ALA A 265 -20.92 -18.47 6.59
N GLY A 266 -20.98 -17.23 7.04
CA GLY A 266 -22.23 -16.61 7.47
C GLY A 266 -23.08 -16.30 6.26
N ILE A 267 -24.29 -15.79 6.47
CA ILE A 267 -25.22 -15.70 5.35
C ILE A 267 -24.95 -14.56 4.34
N SER A 268 -24.37 -13.45 4.80
CA SER A 268 -23.94 -12.38 3.91
C SER A 268 -23.02 -12.93 2.81
N THR A 269 -22.07 -13.78 3.18
CA THR A 269 -21.22 -14.43 2.17
C THR A 269 -22.03 -15.04 1.02
N GLY A 270 -23.18 -15.62 1.33
CA GLY A 270 -24.02 -16.29 0.31
C GLY A 270 -24.66 -15.32 -0.66
N ALA A 271 -25.15 -14.19 -0.14
CA ALA A 271 -25.61 -13.09 -0.97
C ALA A 271 -24.46 -12.58 -1.82
N VAL A 272 -23.31 -12.44 -1.20
CA VAL A 272 -22.12 -12.00 -1.89
C VAL A 272 -21.79 -12.99 -3.02
N LEU A 273 -21.84 -14.28 -2.72
CA LEU A 273 -21.47 -15.31 -3.65
C LEU A 273 -22.43 -15.38 -4.85
N HIS A 274 -23.72 -15.20 -4.60
CA HIS A 274 -24.75 -15.11 -5.66
C HIS A 274 -24.37 -13.99 -6.65
N ALA A 275 -23.96 -12.85 -6.11
CA ALA A 275 -23.60 -11.70 -6.93
C ALA A 275 -22.28 -11.90 -7.62
N ALA A 276 -21.43 -12.76 -7.04
CA ALA A 276 -20.18 -13.14 -7.67
C ALA A 276 -20.41 -14.12 -8.79
N LEU A 277 -21.43 -14.95 -8.69
CA LEU A 277 -21.74 -15.92 -9.75
C LEU A 277 -22.44 -15.24 -10.92
N GLY A 278 -23.17 -14.17 -10.67
CA GLY A 278 -23.71 -13.34 -11.75
C GLY A 278 -22.63 -12.67 -12.55
N VAL A 279 -21.72 -11.99 -11.88
CA VAL A 279 -20.58 -11.37 -12.54
C VAL A 279 -19.78 -12.48 -13.27
N GLY A 280 -19.61 -13.61 -12.60
CA GLY A 280 -18.88 -14.72 -13.21
C GLY A 280 -19.57 -15.24 -14.46
N ALA A 281 -20.86 -15.53 -14.34
CA ALA A 281 -21.63 -16.07 -15.44
C ALA A 281 -21.46 -15.13 -16.63
N GLY A 282 -21.54 -13.84 -16.34
CA GLY A 282 -21.36 -12.80 -17.32
C GLY A 282 -19.99 -12.77 -17.94
N ALA A 283 -18.93 -12.96 -17.17
CA ALA A 283 -17.59 -12.96 -17.75
C ALA A 283 -17.40 -14.20 -18.63
N LEU A 284 -18.07 -15.29 -18.27
CA LEU A 284 -18.00 -16.57 -18.97
C LEU A 284 -18.68 -16.42 -20.32
N ALA A 285 -19.87 -15.86 -20.29
CA ALA A 285 -20.63 -15.62 -21.50
C ALA A 285 -19.89 -14.69 -22.49
N ALA A 286 -19.16 -13.71 -21.95
CA ALA A 286 -18.47 -12.73 -22.79
C ALA A 286 -17.08 -13.19 -23.19
N GLY A 287 -16.68 -14.40 -22.78
CA GLY A 287 -15.34 -14.94 -23.07
C GLY A 287 -14.19 -14.12 -22.49
N GLU A 288 -14.49 -13.32 -21.46
CA GLU A 288 -13.48 -12.47 -20.82
C GLU A 288 -12.90 -13.09 -19.55
N ARG A 289 -11.62 -12.81 -19.34
CA ARG A 289 -10.97 -13.26 -18.14
C ARG A 289 -11.46 -12.43 -16.96
N ALA A 290 -11.69 -13.12 -15.84
CA ALA A 290 -12.01 -12.46 -14.59
C ALA A 290 -11.30 -13.15 -13.44
N ASP A 291 -10.85 -12.33 -12.50
CA ASP A 291 -10.52 -12.79 -11.16
C ASP A 291 -11.31 -11.96 -10.19
N ILE A 292 -12.16 -12.62 -9.43
CA ILE A 292 -13.23 -11.97 -8.70
C ILE A 292 -13.02 -12.15 -7.24
N ALA A 293 -12.37 -11.20 -6.59
CA ALA A 293 -12.24 -11.29 -5.15
C ALA A 293 -13.60 -11.00 -4.50
N LEU A 294 -13.95 -11.83 -3.51
CA LEU A 294 -15.18 -11.69 -2.76
C LEU A 294 -14.93 -11.94 -1.28
N VAL A 295 -15.77 -11.31 -0.46
CA VAL A 295 -15.56 -11.24 0.96
C VAL A 295 -16.39 -12.30 1.67
N VAL A 296 -15.72 -13.00 2.57
CA VAL A 296 -16.40 -13.83 3.54
C VAL A 296 -16.37 -13.05 4.87
N ALA A 297 -17.41 -12.25 5.10
CA ALA A 297 -17.39 -11.28 6.20
C ALA A 297 -17.41 -11.94 7.58
N ASP A 298 -17.97 -13.16 7.65
CA ASP A 298 -17.93 -13.96 8.88
C ASP A 298 -18.37 -15.42 8.63
N ALA A 299 -18.24 -16.24 9.67
CA ALA A 299 -18.50 -17.67 9.59
C ALA A 299 -19.91 -17.99 10.05
N GLY A 300 -20.27 -19.28 9.98
CA GLY A 300 -21.63 -19.74 10.23
C GLY A 300 -22.02 -19.86 11.70
N TRP A 301 -21.00 -19.87 12.57
CA TRP A 301 -21.18 -20.06 14.01
C TRP A 301 -22.42 -19.35 14.53
N LYS A 302 -22.49 -18.03 14.34
CA LYS A 302 -23.56 -17.24 14.95
C LYS A 302 -24.91 -17.36 14.26
N TYR A 303 -24.98 -18.11 13.18
CA TYR A 303 -26.21 -18.26 12.44
C TYR A 303 -26.81 -19.64 12.56
N LEU A 304 -26.22 -20.47 13.42
CA LEU A 304 -26.65 -21.86 13.61
C LEU A 304 -28.04 -21.95 14.17
N SER A 305 -28.34 -21.07 15.13
CA SER A 305 -29.61 -21.13 15.86
C SER A 305 -30.76 -20.95 14.90
N THR A 306 -30.52 -20.24 13.81
CA THR A 306 -31.55 -19.98 12.82
C THR A 306 -31.90 -21.28 12.11
N GLY A 307 -31.02 -22.27 12.12
CA GLY A 307 -31.30 -23.53 11.42
C GLY A 307 -31.29 -23.39 9.91
N ALA A 308 -30.58 -22.38 9.43
CA ALA A 308 -30.25 -22.21 8.03
C ALA A 308 -29.15 -23.21 7.62
N TYR A 309 -28.48 -23.83 8.62
CA TYR A 309 -27.49 -24.91 8.41
C TYR A 309 -27.89 -26.24 9.04
N ALA B 5 0.17 -14.09 0.93
CA ALA B 5 0.10 -15.11 -0.16
C ALA B 5 -1.29 -15.70 -0.20
N ARG B 6 -1.51 -16.44 -1.28
CA ARG B 6 -2.84 -16.89 -1.66
C ARG B 6 -2.82 -18.42 -1.70
N TYR B 7 -4.00 -19.01 -1.71
CA TYR B 7 -4.09 -20.43 -1.70
C TYR B 7 -5.09 -20.80 -2.77
N ASP B 8 -4.84 -21.90 -3.45
CA ASP B 8 -5.78 -22.41 -4.43
C ASP B 8 -6.87 -23.26 -3.76
N SER B 9 -6.76 -23.49 -2.45
CA SER B 9 -7.71 -24.34 -1.77
C SER B 9 -7.66 -24.10 -0.26
N LEU B 10 -8.85 -24.13 0.35
CA LEU B 10 -8.98 -23.99 1.81
C LEU B 10 -8.08 -24.95 2.59
N LEU B 11 -7.90 -26.17 2.06
CA LEU B 11 -6.96 -27.17 2.60
C LEU B 11 -5.55 -26.66 2.87
N GLN B 12 -5.14 -25.61 2.15
CA GLN B 12 -3.79 -25.08 2.26
C GLN B 12 -3.75 -23.96 3.25
N ALA B 13 -4.88 -23.30 3.53
CA ALA B 13 -4.90 -22.17 4.46
C ALA B 13 -4.98 -22.73 5.86
N LEU B 14 -3.89 -23.31 6.29
CA LEU B 14 -3.89 -24.20 7.43
C LEU B 14 -2.54 -24.00 8.04
N GLY B 15 -2.47 -23.96 9.37
CA GLY B 15 -1.21 -23.83 10.06
C GLY B 15 -0.78 -22.40 9.98
N ASN B 16 0.49 -22.15 10.30
CA ASN B 16 1.02 -20.80 10.50
C ASN B 16 0.06 -19.93 11.31
N THR B 17 -0.40 -20.47 12.42
CA THR B 17 -1.32 -19.77 13.26
C THR B 17 -0.56 -18.73 14.08
N PRO B 18 -1.25 -17.65 14.47
CA PRO B 18 -0.61 -16.61 15.27
C PRO B 18 -0.33 -17.02 16.69
N LEU B 19 0.62 -16.33 17.28
CA LEU B 19 1.03 -16.56 18.64
C LEU B 19 0.96 -15.23 19.27
N VAL B 20 0.24 -15.11 20.38
CA VAL B 20 0.08 -13.78 20.95
C VAL B 20 0.42 -13.85 22.40
N GLY B 21 1.06 -12.79 22.88
CA GLY B 21 1.42 -12.66 24.24
C GLY B 21 0.22 -12.26 25.07
N LEU B 22 0.14 -12.87 26.25
CA LEU B 22 -0.91 -12.60 27.18
C LEU B 22 -0.31 -11.75 28.25
N GLN B 23 -0.40 -10.43 28.05
CA GLN B 23 0.28 -9.46 28.93
C GLN B 23 -0.40 -9.30 30.26
N ARG B 24 -1.73 -9.34 30.25
CA ARG B 24 -2.51 -9.09 31.43
C ARG B 24 -2.48 -10.32 32.31
N LEU B 25 -2.38 -11.45 31.65
CA LEU B 25 -2.61 -12.69 32.32
C LEU B 25 -1.31 -13.33 32.74
N SER B 26 -0.26 -13.20 31.94
CA SER B 26 1.04 -13.69 32.35
C SER B 26 1.33 -13.19 33.76
N PRO B 27 1.80 -14.08 34.67
CA PRO B 27 2.24 -13.67 35.99
C PRO B 27 3.14 -12.43 36.01
N ARG B 28 4.15 -12.39 35.15
CA ARG B 28 5.03 -11.25 35.10
C ARG B 28 5.48 -11.00 33.69
N TRP B 29 4.84 -10.05 33.02
CA TRP B 29 5.20 -9.81 31.63
C TRP B 29 6.53 -9.03 31.46
N ASP B 30 6.90 -8.19 32.41
CA ASP B 30 8.15 -7.44 32.23
C ASP B 30 9.40 -7.99 32.94
N ASP B 31 10.45 -8.13 32.13
CA ASP B 31 11.68 -8.82 32.53
C ASP B 31 12.44 -8.06 33.61
N GLY B 32 11.95 -6.87 33.98
CA GLY B 32 12.57 -6.04 35.01
C GLY B 32 12.75 -6.72 36.36
N ASP B 34 12.75 -6.68 39.83
CA ASP B 34 12.21 -7.43 40.95
C ASP B 34 11.98 -8.90 40.61
N GLY B 35 12.55 -9.33 39.49
CA GLY B 35 12.44 -10.70 39.03
C GLY B 35 12.53 -10.80 37.53
N PRO B 36 13.00 -11.95 37.01
CA PRO B 36 12.81 -12.12 35.56
C PRO B 36 11.38 -12.44 35.16
N HIS B 37 11.04 -12.23 33.89
CA HIS B 37 9.65 -12.43 33.46
C HIS B 37 9.25 -13.90 33.43
N VAL B 38 7.95 -14.10 33.49
CA VAL B 38 7.29 -15.37 33.25
C VAL B 38 6.13 -15.06 32.32
N ARG B 39 6.23 -15.51 31.07
CA ARG B 39 5.33 -15.05 30.00
C ARG B 39 4.50 -16.16 29.41
N LEU B 40 3.21 -15.93 29.21
CA LEU B 40 2.40 -16.92 28.53
C LEU B 40 2.14 -16.51 27.10
N TRP B 41 2.32 -17.45 26.19
CA TRP B 41 2.14 -17.18 24.79
C TRP B 41 1.06 -18.09 24.29
N ALA B 42 0.05 -17.55 23.63
CA ALA B 42 -1.04 -18.36 23.16
C ALA B 42 -0.95 -18.61 21.65
N LYS B 43 -0.75 -19.86 21.25
CA LYS B 43 -0.82 -20.20 19.85
C LYS B 43 -2.28 -20.53 19.50
N LEU B 44 -2.82 -19.88 18.47
CA LEU B 44 -4.25 -19.85 18.22
C LEU B 44 -4.66 -20.77 17.10
N GLU B 45 -4.91 -22.02 17.43
CA GLU B 45 -5.26 -23.00 16.42
C GLU B 45 -6.73 -22.95 16.00
N ASP B 46 -7.52 -22.03 16.57
CA ASP B 46 -8.82 -21.73 15.99
C ASP B 46 -8.74 -21.03 14.62
N ARG B 47 -7.56 -20.56 14.26
CA ARG B 47 -7.27 -19.98 12.93
C ARG B 47 -6.97 -21.07 11.86
N ASN B 48 -7.94 -21.93 11.61
CA ASN B 48 -7.73 -23.11 10.79
C ASN B 48 -9.03 -23.40 10.07
N PRO B 49 -8.97 -24.10 8.93
CA PRO B 49 -10.13 -24.23 8.04
C PRO B 49 -11.47 -24.49 8.69
N THR B 50 -11.49 -25.40 9.65
CA THR B 50 -12.70 -25.68 10.42
C THR B 50 -12.66 -25.18 11.87
N GLY B 51 -11.66 -24.38 12.20
CA GLY B 51 -11.62 -23.74 13.52
C GLY B 51 -11.13 -24.67 14.60
N SER B 52 -10.11 -25.46 14.27
CA SER B 52 -9.56 -26.40 15.21
C SER B 52 -8.16 -26.85 14.79
N ILE B 53 -7.40 -27.23 15.82
CA ILE B 53 -6.07 -27.80 15.63
C ILE B 53 -6.11 -29.10 14.83
N LYS B 54 -7.25 -29.78 14.83
CA LYS B 54 -7.37 -31.07 14.11
C LYS B 54 -7.28 -30.97 12.61
N ASP B 55 -7.37 -29.77 12.05
CA ASP B 55 -7.17 -29.62 10.63
C ASP B 55 -5.79 -30.14 10.25
N ARG B 56 -4.79 -29.82 11.08
CA ARG B 56 -3.41 -30.28 10.86
C ARG B 56 -3.37 -31.80 10.67
N PRO B 57 -3.82 -32.56 11.66
CA PRO B 57 -3.79 -34.03 11.48
C PRO B 57 -4.85 -34.67 10.54
N ALA B 58 -6.05 -34.11 10.43
CA ALA B 58 -7.07 -34.70 9.56
C ALA B 58 -6.55 -34.70 8.11
N VAL B 59 -6.05 -33.54 7.70
CA VAL B 59 -5.55 -33.38 6.35
C VAL B 59 -4.37 -34.31 6.15
N ARG B 60 -3.43 -34.35 7.09
CA ARG B 60 -2.22 -35.13 6.84
C ARG B 60 -2.47 -36.64 6.82
N MET B 61 -3.43 -37.11 7.60
CA MET B 61 -3.80 -38.52 7.56
C MET B 61 -4.35 -38.90 6.19
N ILE B 62 -5.30 -38.12 5.70
CA ILE B 62 -5.94 -38.38 4.41
C ILE B 62 -4.87 -38.45 3.32
N GLU B 63 -4.12 -37.37 3.19
CA GLU B 63 -3.10 -37.28 2.16
C GLU B 63 -2.17 -38.45 2.24
N GLN B 64 -1.76 -38.82 3.43
CA GLN B 64 -0.81 -39.93 3.60
C GLN B 64 -1.47 -41.27 3.26
N ALA B 65 -2.76 -41.39 3.57
CA ALA B 65 -3.53 -42.55 3.13
C ALA B 65 -3.61 -42.52 1.61
N GLU B 66 -4.04 -41.41 1.06
CA GLU B 66 -3.99 -41.21 -0.39
C GLU B 66 -2.69 -41.76 -0.95
N ALA B 67 -1.56 -41.35 -0.37
CA ALA B 67 -0.26 -41.71 -0.91
C ALA B 67 -0.07 -43.23 -0.88
N ASP B 68 -0.23 -43.81 0.29
CA ASP B 68 -0.04 -45.25 0.49
C ASP B 68 -0.98 -46.15 -0.33
N GLY B 69 -1.91 -45.56 -1.06
CA GLY B 69 -2.84 -46.32 -1.89
C GLY B 69 -4.12 -46.74 -1.20
N LEU B 70 -4.27 -46.37 0.08
CA LEU B 70 -5.39 -46.81 0.91
C LEU B 70 -6.71 -46.08 0.66
N LEU B 71 -6.68 -45.03 -0.16
CA LEU B 71 -7.87 -44.22 -0.43
C LEU B 71 -7.99 -43.85 -1.92
N ARG B 72 -9.22 -43.85 -2.45
CA ARG B 72 -9.43 -43.33 -3.80
C ARG B 72 -10.89 -42.89 -3.90
N PRO B 73 -11.15 -41.62 -4.28
CA PRO B 73 -12.50 -41.13 -3.94
C PRO B 73 -13.68 -41.98 -4.38
N GLY B 74 -14.83 -41.68 -3.77
CA GLY B 74 -15.96 -42.58 -3.64
C GLY B 74 -15.90 -43.35 -2.33
N ALA B 75 -14.68 -43.49 -1.81
CA ALA B 75 -14.43 -44.34 -0.66
C ALA B 75 -14.99 -43.75 0.63
N THR B 76 -15.26 -44.61 1.60
CA THR B 76 -15.94 -44.20 2.80
C THR B 76 -14.97 -44.35 3.94
N ILE B 77 -14.73 -43.22 4.62
CA ILE B 77 -13.87 -43.13 5.79
C ILE B 77 -14.71 -43.32 7.04
N LEU B 78 -14.12 -43.91 8.05
CA LEU B 78 -14.77 -44.06 9.32
C LEU B 78 -13.81 -43.53 10.39
N GLU B 79 -14.31 -42.75 11.34
CA GLU B 79 -13.47 -42.24 12.42
C GLU B 79 -14.26 -42.01 13.69
N PRO B 80 -13.71 -42.43 14.84
CA PRO B 80 -14.32 -42.05 16.12
C PRO B 80 -13.83 -40.69 16.52
N THR B 81 -14.69 -39.86 17.07
CA THR B 81 -14.24 -38.54 17.45
C THR B 81 -15.14 -37.90 18.47
N SER B 82 -14.58 -37.04 19.32
CA SER B 82 -15.39 -36.24 20.24
C SER B 82 -15.91 -34.96 19.59
N GLY B 83 -15.41 -34.65 18.39
CA GLY B 83 -16.08 -33.80 17.43
C GLY B 83 -15.10 -33.14 16.47
N ASN B 84 -14.02 -32.61 17.02
CA ASN B 84 -13.14 -31.75 16.24
C ASN B 84 -12.58 -32.47 15.02
N THR B 85 -12.11 -33.71 15.24
CA THR B 85 -11.53 -34.52 14.19
C THR B 85 -12.57 -34.88 13.15
N GLY B 86 -13.77 -35.24 13.58
CA GLY B 86 -14.86 -35.46 12.69
C GLY B 86 -15.04 -34.30 11.71
N ILE B 87 -15.07 -33.09 12.26
CA ILE B 87 -15.35 -31.90 11.47
C ILE B 87 -14.25 -31.70 10.41
N SER B 88 -13.00 -31.67 10.87
CA SER B 88 -11.85 -31.57 9.98
C SER B 88 -11.99 -32.57 8.82
N LEU B 89 -12.14 -33.84 9.17
CA LEU B 89 -12.30 -34.93 8.16
C LEU B 89 -13.52 -34.78 7.27
N ALA B 90 -14.62 -34.30 7.84
CA ALA B 90 -15.83 -34.05 7.08
C ALA B 90 -15.59 -32.98 6.00
N MET B 91 -14.90 -31.91 6.38
CA MET B 91 -14.56 -30.85 5.46
C MET B 91 -13.62 -31.39 4.36
N ALA B 92 -12.50 -31.99 4.77
CA ALA B 92 -11.55 -32.53 3.81
C ALA B 92 -12.14 -33.61 2.90
N ALA B 93 -13.10 -34.37 3.42
CA ALA B 93 -13.76 -35.43 2.64
C ALA B 93 -14.72 -34.89 1.57
N ARG B 94 -15.32 -33.73 1.81
CA ARG B 94 -16.15 -33.11 0.79
C ARG B 94 -15.31 -32.68 -0.42
N LEU B 95 -14.12 -32.14 -0.14
CA LEU B 95 -13.31 -31.57 -1.18
C LEU B 95 -12.66 -32.65 -1.99
N LYS B 96 -12.41 -33.80 -1.35
CA LYS B 96 -11.69 -34.89 -1.97
C LYS B 96 -12.58 -36.01 -2.49
N GLY B 97 -13.88 -35.89 -2.24
CA GLY B 97 -14.87 -36.78 -2.84
C GLY B 97 -15.08 -38.08 -2.09
N TYR B 98 -14.95 -38.02 -0.77
CA TYR B 98 -15.08 -39.19 0.07
C TYR B 98 -16.31 -39.05 0.94
N ARG B 99 -16.83 -40.19 1.39
CA ARG B 99 -17.93 -40.24 2.34
C ARG B 99 -17.34 -40.41 3.75
N LEU B 100 -18.04 -39.91 4.76
CA LEU B 100 -17.56 -40.00 6.13
C LEU B 100 -18.61 -40.50 7.09
N ILE B 101 -18.23 -41.50 7.88
CA ILE B 101 -18.98 -41.91 9.06
C ILE B 101 -18.20 -41.50 10.34
N CYS B 102 -18.86 -40.79 11.25
CA CYS B 102 -18.25 -40.44 12.51
C CYS B 102 -18.95 -41.19 13.59
N VAL B 103 -18.16 -41.70 14.55
CA VAL B 103 -18.71 -42.28 15.76
C VAL B 103 -18.41 -41.30 16.85
N MET B 104 -19.44 -40.86 17.56
CA MET B 104 -19.30 -39.74 18.45
C MET B 104 -20.22 -39.99 19.63
N PRO B 105 -19.76 -39.71 20.85
CA PRO B 105 -20.69 -39.91 21.97
C PRO B 105 -21.86 -38.90 22.02
N GLU B 106 -22.99 -39.35 22.53
CA GLU B 106 -24.13 -38.48 22.69
C GLU B 106 -23.95 -37.28 23.64
N ASN B 107 -23.06 -37.32 24.62
CA ASN B 107 -22.87 -36.16 25.51
C ASN B 107 -22.39 -34.91 24.80
N THR B 108 -22.10 -34.99 23.51
CA THR B 108 -21.36 -33.92 22.87
C THR B 108 -22.28 -32.75 22.56
N SER B 109 -21.67 -31.60 22.34
CA SER B 109 -22.43 -30.39 22.15
C SER B 109 -23.20 -30.47 20.83
N VAL B 110 -24.36 -29.81 20.81
CA VAL B 110 -25.20 -29.77 19.63
C VAL B 110 -24.48 -29.13 18.46
N GLU B 111 -23.61 -28.17 18.72
CA GLU B 111 -22.92 -27.52 17.63
C GLU B 111 -22.09 -28.51 16.80
N ARG B 112 -21.52 -29.54 17.43
CA ARG B 112 -20.72 -30.52 16.66
C ARG B 112 -21.57 -31.37 15.72
N ARG B 113 -22.71 -31.84 16.25
CA ARG B 113 -23.71 -32.55 15.48
C ARG B 113 -24.08 -31.69 14.29
N GLN B 114 -24.44 -30.44 14.54
CA GLN B 114 -24.92 -29.60 13.47
C GLN B 114 -23.92 -29.54 12.34
N LEU B 115 -22.73 -29.04 12.63
CA LEU B 115 -21.67 -29.00 11.64
C LEU B 115 -21.44 -30.30 10.92
N LEU B 116 -21.42 -31.43 11.64
CA LEU B 116 -21.12 -32.69 10.97
C LEU B 116 -22.16 -32.96 9.88
N GLU B 117 -23.41 -32.71 10.20
CA GLU B 117 -24.50 -32.93 9.25
C GLU B 117 -24.42 -31.95 8.09
N LEU B 118 -24.05 -30.72 8.40
CA LEU B 118 -23.96 -29.71 7.40
C LEU B 118 -22.98 -30.12 6.32
N TYR B 119 -21.81 -30.55 6.75
CA TYR B 119 -20.81 -31.13 5.87
C TYR B 119 -21.26 -32.49 5.31
N GLY B 120 -22.26 -33.11 5.93
CA GLY B 120 -22.91 -34.33 5.42
C GLY B 120 -22.11 -35.56 5.75
N ALA B 121 -21.81 -35.72 7.03
CA ALA B 121 -21.22 -36.95 7.53
C ALA B 121 -22.37 -37.79 8.11
N GLN B 122 -22.31 -39.12 7.98
CA GLN B 122 -23.19 -39.97 8.80
C GLN B 122 -22.58 -39.92 10.20
N ILE B 123 -23.40 -39.92 11.25
CA ILE B 123 -22.92 -39.99 12.64
C ILE B 123 -23.64 -41.09 13.43
N ILE B 124 -22.90 -42.06 13.95
CA ILE B 124 -23.42 -43.03 14.90
C ILE B 124 -23.07 -42.53 16.28
N PHE B 125 -24.06 -42.10 17.04
CA PHE B 125 -23.86 -41.68 18.43
C PHE B 125 -23.77 -42.89 19.38
N SER B 126 -22.54 -43.17 19.81
CA SER B 126 -22.25 -44.20 20.78
C SER B 126 -22.72 -43.71 22.17
N ALA B 127 -23.05 -44.64 23.05
CA ALA B 127 -23.52 -44.31 24.39
C ALA B 127 -22.49 -43.51 25.21
N ALA B 128 -22.98 -42.48 25.89
CA ALA B 128 -22.23 -41.67 26.81
C ALA B 128 -21.39 -42.46 27.80
N GLU B 129 -21.88 -43.59 28.24
CA GLU B 129 -21.16 -44.38 29.21
C GLU B 129 -19.94 -45.04 28.55
N GLY B 130 -18.76 -44.66 29.03
CA GLY B 130 -17.51 -45.14 28.46
C GLY B 130 -16.75 -44.09 27.67
N GLY B 131 -17.39 -42.98 27.32
CA GLY B 131 -16.75 -41.88 26.62
C GLY B 131 -16.12 -42.21 25.27
N SER B 132 -14.83 -41.96 25.17
CA SER B 132 -14.11 -42.17 23.94
C SER B 132 -13.75 -43.61 23.79
N ASN B 133 -13.55 -44.31 24.89
CA ASN B 133 -13.29 -45.74 24.80
C ASN B 133 -14.42 -46.37 24.03
N THR B 134 -15.63 -45.87 24.26
CA THR B 134 -16.78 -46.48 23.64
C THR B 134 -16.94 -46.02 22.20
N ALA B 135 -16.71 -44.75 21.93
CA ALA B 135 -16.64 -44.27 20.56
C ALA B 135 -15.63 -45.05 19.72
N VAL B 136 -14.48 -45.38 20.30
CA VAL B 136 -13.42 -46.10 19.61
C VAL B 136 -13.78 -47.57 19.42
N ALA B 137 -14.24 -48.20 20.49
CA ALA B 137 -14.60 -49.59 20.38
C ALA B 137 -15.70 -49.70 19.30
N THR B 138 -16.65 -48.78 19.30
CA THR B 138 -17.75 -48.83 18.33
C THR B 138 -17.24 -48.74 16.91
N ALA B 139 -16.27 -47.88 16.67
CA ALA B 139 -15.65 -47.79 15.33
C ALA B 139 -14.92 -49.08 14.94
N LYS B 140 -14.21 -49.68 15.89
CA LYS B 140 -13.49 -50.93 15.61
C LYS B 140 -14.46 -52.04 15.18
N GLU B 141 -15.66 -52.00 15.73
CA GLU B 141 -16.67 -53.01 15.46
C GLU B 141 -17.35 -52.72 14.12
N LEU B 142 -17.58 -51.44 13.83
CA LEU B 142 -18.08 -51.02 12.53
C LEU B 142 -17.06 -51.30 11.43
N ALA B 143 -15.78 -51.09 11.73
CA ALA B 143 -14.72 -51.49 10.83
C ALA B 143 -14.80 -52.98 10.53
N ALA B 144 -15.08 -53.78 11.57
CA ALA B 144 -15.09 -55.24 11.45
C ALA B 144 -16.23 -55.74 10.54
N THR B 145 -17.42 -55.15 10.63
CA THR B 145 -18.37 -55.27 9.50
C THR B 145 -17.81 -54.35 8.45
N ASN B 146 -17.89 -54.74 7.21
CA ASN B 146 -17.49 -53.79 6.17
C ASN B 146 -16.02 -53.34 6.28
N PRO B 147 -15.07 -54.22 5.83
CA PRO B 147 -13.63 -53.90 5.69
C PRO B 147 -13.26 -52.91 4.57
N SER B 148 -14.20 -52.53 3.71
CA SER B 148 -13.89 -51.56 2.67
C SER B 148 -13.78 -50.11 3.22
N TRP B 149 -14.49 -49.81 4.30
CA TRP B 149 -14.37 -48.48 4.94
C TRP B 149 -13.00 -48.26 5.56
N VAL B 150 -12.44 -47.07 5.36
CA VAL B 150 -11.08 -46.79 5.77
C VAL B 150 -11.04 -45.98 7.06
N MET B 151 -10.57 -46.61 8.11
CA MET B 151 -10.37 -45.94 9.38
C MET B 151 -8.93 -45.48 9.52
N LEU B 152 -8.72 -44.17 9.45
CA LEU B 152 -7.39 -43.61 9.56
C LEU B 152 -6.80 -43.86 10.93
N TYR B 153 -7.65 -43.84 11.95
CA TYR B 153 -7.31 -44.12 13.35
C TYR B 153 -6.39 -43.09 14.01
N GLN B 154 -6.99 -42.01 14.51
CA GLN B 154 -6.21 -40.84 14.98
C GLN B 154 -5.45 -41.03 16.28
N TYR B 155 -5.84 -42.05 17.02
CA TYR B 155 -5.15 -42.45 18.22
C TYR B 155 -3.89 -43.28 17.95
N GLY B 156 -3.59 -43.57 16.68
CA GLY B 156 -2.39 -44.34 16.36
C GLY B 156 -1.76 -44.04 15.02
N ASN B 157 -2.25 -43.04 14.32
CA ASN B 157 -1.73 -42.73 13.00
C ASN B 157 -0.60 -41.73 13.13
N PRO B 158 0.63 -42.11 12.73
CA PRO B 158 1.76 -41.22 12.97
C PRO B 158 1.73 -39.96 12.12
N ALA B 159 0.84 -39.89 11.13
CA ALA B 159 0.59 -38.63 10.41
C ALA B 159 -0.07 -37.56 11.31
N ASN B 160 -0.65 -38.00 12.42
CA ASN B 160 -1.08 -37.12 13.49
C ASN B 160 0.12 -36.50 14.19
N THR B 161 1.01 -37.33 14.73
CA THR B 161 2.18 -36.80 15.42
C THR B 161 3.05 -36.00 14.45
N ASP B 162 3.14 -36.44 13.19
CA ASP B 162 3.99 -35.74 12.23
C ASP B 162 3.46 -34.38 11.85
N SER B 163 2.14 -34.19 11.86
CA SER B 163 1.59 -32.89 11.50
C SER B 163 2.07 -31.81 12.47
N HIS B 164 2.14 -32.17 13.75
CA HIS B 164 2.69 -31.24 14.73
C HIS B 164 4.22 -31.14 14.67
N TYR B 165 4.90 -32.24 14.39
CA TYR B 165 6.38 -32.25 14.25
C TYR B 165 6.85 -31.37 13.10
N CYS B 166 6.19 -31.49 11.95
CA CYS B 166 6.53 -30.71 10.77
C CYS B 166 5.82 -29.36 10.69
N GLY B 167 4.84 -29.09 11.55
CA GLY B 167 4.07 -27.84 11.47
C GLY B 167 4.07 -27.06 12.77
N THR B 168 3.30 -27.52 13.74
CA THR B 168 3.12 -26.80 15.01
C THR B 168 4.46 -26.43 15.65
N GLY B 169 5.35 -27.42 15.75
CA GLY B 169 6.66 -27.26 16.39
C GLY B 169 7.58 -26.24 15.72
N PRO B 170 7.95 -26.51 14.47
CA PRO B 170 8.72 -25.54 13.72
C PRO B 170 8.15 -24.14 13.87
N GLU B 171 6.84 -23.98 13.74
CA GLU B 171 6.18 -22.69 13.90
C GLU B 171 6.39 -22.07 15.30
N LEU B 172 6.25 -22.87 16.34
CA LEU B 172 6.60 -22.38 17.67
C LEU B 172 8.05 -21.90 17.78
N LEU B 173 8.98 -22.76 17.39
CA LEU B 173 10.40 -22.43 17.48
C LEU B 173 10.72 -21.18 16.69
N ALA B 174 10.09 -21.00 15.53
CA ALA B 174 10.31 -19.80 14.73
C ALA B 174 9.86 -18.51 15.45
N ASP B 175 8.68 -18.55 16.09
CA ASP B 175 8.09 -17.35 16.69
C ASP B 175 8.58 -17.12 18.08
N LEU B 176 8.75 -18.18 18.86
CA LEU B 176 9.25 -18.06 20.24
C LEU B 176 10.52 -18.91 20.46
N PRO B 177 11.66 -18.48 19.89
CA PRO B 177 12.87 -19.26 20.10
C PRO B 177 13.31 -19.25 21.55
N GLU B 178 12.91 -18.25 22.34
CA GLU B 178 13.27 -18.17 23.77
C GLU B 178 12.42 -19.09 24.67
N ILE B 179 11.58 -19.90 24.04
CA ILE B 179 10.70 -20.86 24.69
C ILE B 179 11.36 -21.74 25.77
N THR B 180 10.70 -21.87 26.94
CA THR B 180 11.15 -22.74 28.05
C THR B 180 10.18 -23.87 28.40
N HIS B 181 8.90 -23.68 28.04
CA HIS B 181 7.87 -24.72 28.19
C HIS B 181 6.84 -24.69 27.05
N PHE B 182 6.23 -25.84 26.84
CA PHE B 182 5.12 -25.97 25.92
C PHE B 182 4.04 -26.73 26.65
N VAL B 183 2.87 -26.13 26.75
CA VAL B 183 1.72 -26.76 27.37
C VAL B 183 0.60 -27.00 26.34
N ALA B 184 0.00 -28.18 26.41
CA ALA B 184 -1.11 -28.54 25.55
C ALA B 184 -1.91 -29.70 26.14
N GLY B 185 -3.15 -29.85 25.70
CA GLY B 185 -4.01 -30.93 26.15
C GLY B 185 -3.53 -32.28 25.64
N LEU B 186 -3.84 -33.33 26.40
CA LEU B 186 -3.36 -34.65 26.12
C LEU B 186 -4.54 -35.53 25.78
N GLY B 187 -4.73 -35.74 24.48
CA GLY B 187 -5.94 -36.39 23.96
C GLY B 187 -5.61 -37.62 23.16
N THR B 188 -5.44 -37.47 21.85
CA THR B 188 -4.82 -38.51 21.03
C THR B 188 -3.32 -38.58 21.31
N THR B 189 -2.78 -37.47 21.82
CA THR B 189 -1.35 -37.27 22.16
C THR B 189 -0.50 -36.75 21.00
N GLY B 190 -1.08 -36.60 19.81
CA GLY B 190 -0.34 -36.05 18.68
C GLY B 190 0.33 -34.70 18.88
N THR B 191 -0.43 -33.73 19.41
CA THR B 191 0.08 -32.38 19.64
C THR B 191 1.33 -32.44 20.49
N LEU B 192 1.24 -33.03 21.66
CA LEU B 192 2.39 -33.03 22.60
C LEU B 192 3.56 -33.91 22.09
N MET B 193 3.26 -35.06 21.50
CA MET B 193 4.30 -35.95 20.96
C MET B 193 5.10 -35.34 19.80
N GLY B 194 4.45 -34.71 18.84
CA GLY B 194 5.12 -34.17 17.65
C GLY B 194 5.74 -32.81 17.87
N THR B 195 5.00 -31.91 18.51
CA THR B 195 5.53 -30.63 18.92
C THR B 195 6.66 -30.85 19.95
N GLY B 196 6.37 -31.61 21.00
CA GLY B 196 7.37 -32.03 21.99
C GLY B 196 8.64 -32.73 21.48
N ARG B 197 8.51 -33.56 20.44
CA ARG B 197 9.69 -34.20 19.86
C ARG B 197 10.55 -33.24 19.05
N PHE B 198 9.91 -32.37 18.25
CA PHE B 198 10.67 -31.41 17.48
C PHE B 198 11.40 -30.44 18.43
N LEU B 199 10.68 -29.90 19.42
CA LEU B 199 11.28 -28.95 20.38
C LEU B 199 12.44 -29.48 21.25
N ARG B 200 12.32 -30.71 21.73
CA ARG B 200 13.36 -31.31 22.54
C ARG B 200 14.64 -31.44 21.71
N GLU B 201 14.45 -31.65 20.41
CA GLU B 201 15.56 -31.75 19.49
C GLU B 201 16.30 -30.41 19.34
N HIS B 202 15.57 -29.30 19.40
CA HIS B 202 16.14 -27.99 19.06
C HIS B 202 16.34 -27.08 20.24
N VAL B 203 15.52 -27.23 21.26
CA VAL B 203 15.60 -26.36 22.43
C VAL B 203 16.07 -27.19 23.61
N ALA B 204 17.25 -26.87 24.12
CA ALA B 204 17.77 -27.62 25.25
C ALA B 204 16.98 -27.24 26.46
N ASN B 205 16.68 -28.22 27.29
CA ASN B 205 16.09 -27.94 28.58
C ASN B 205 14.56 -27.68 28.52
N VAL B 206 13.96 -27.83 27.33
CA VAL B 206 12.57 -27.45 27.19
C VAL B 206 11.69 -28.43 27.96
N LYS B 207 10.66 -27.91 28.61
CA LYS B 207 9.69 -28.67 29.40
C LYS B 207 8.44 -28.92 28.56
N ILE B 208 8.02 -30.18 28.43
CA ILE B 208 6.73 -30.51 27.78
C ILE B 208 5.70 -30.92 28.83
N VAL B 209 4.65 -30.12 28.96
CA VAL B 209 3.66 -30.23 30.04
C VAL B 209 2.28 -30.57 29.50
N ALA B 210 1.65 -31.59 30.07
CA ALA B 210 0.37 -32.09 29.59
C ALA B 210 -0.75 -31.66 30.52
N ALA B 211 -1.91 -31.36 29.93
CA ALA B 211 -3.17 -31.23 30.68
C ALA B 211 -4.16 -32.32 30.25
N GLU B 212 -4.82 -32.95 31.21
CA GLU B 212 -5.75 -34.01 30.89
C GLU B 212 -6.93 -33.90 31.83
N PRO B 213 -8.12 -34.33 31.40
CA PRO B 213 -9.30 -34.19 32.26
C PRO B 213 -9.24 -35.09 33.51
N ARG B 214 -9.69 -34.59 34.66
CA ARG B 214 -9.70 -35.38 35.89
C ARG B 214 -10.64 -36.58 35.83
N PHE B 229 -8.06 -46.12 27.86
CA PHE B 229 -7.11 -46.75 26.96
C PHE B 229 -5.96 -45.78 26.63
N VAL B 230 -4.81 -46.34 26.28
CA VAL B 230 -3.61 -45.55 26.04
C VAL B 230 -3.47 -45.46 24.54
N PRO B 231 -3.44 -44.22 24.01
CA PRO B 231 -3.31 -44.19 22.56
C PRO B 231 -1.97 -44.74 22.11
N GLU B 232 -1.94 -45.44 20.98
CA GLU B 232 -0.71 -46.02 20.41
C GLU B 232 0.29 -45.00 19.91
N LEU B 233 -0.09 -43.71 19.82
CA LEU B 233 0.87 -42.62 19.55
C LEU B 233 1.68 -42.20 20.78
N TYR B 234 1.15 -42.54 21.96
CA TYR B 234 1.69 -41.99 23.19
C TYR B 234 3.09 -42.55 23.54
N ASP B 235 4.08 -41.66 23.56
CA ASP B 235 5.43 -41.92 24.07
C ASP B 235 5.68 -41.09 25.35
N PRO B 236 5.55 -41.73 26.53
CA PRO B 236 5.75 -41.00 27.78
C PRO B 236 7.15 -40.36 27.94
N GLU B 237 8.17 -40.89 27.27
CA GLU B 237 9.49 -40.22 27.22
C GLU B 237 9.42 -38.75 26.83
N ILE B 238 8.51 -38.37 25.94
CA ILE B 238 8.42 -36.98 25.51
C ILE B 238 7.95 -36.01 26.63
N LEU B 239 7.23 -36.49 27.64
CA LEU B 239 6.64 -35.59 28.66
C LEU B 239 7.55 -35.30 29.89
N THR B 240 7.54 -34.05 30.34
CA THR B 240 8.07 -33.66 31.64
C THR B 240 7.05 -34.05 32.72
N ALA B 241 5.80 -33.63 32.54
CA ALA B 241 4.77 -33.68 33.59
C ALA B 241 3.32 -33.72 33.07
N ARG B 242 2.45 -34.39 33.83
CA ARG B 242 1.04 -34.51 33.53
C ARG B 242 0.25 -33.81 34.63
N TYR B 243 -0.50 -32.80 34.25
CA TYR B 243 -1.39 -32.06 35.15
C TYR B 243 -2.86 -32.48 34.87
N SER B 244 -3.55 -33.12 35.82
CA SER B 244 -5.02 -33.32 35.70
C SER B 244 -5.77 -32.03 35.99
N VAL B 245 -6.87 -31.74 35.30
CA VAL B 245 -7.64 -30.51 35.55
C VAL B 245 -9.14 -30.81 35.58
N GLY B 246 -9.83 -30.28 36.59
CA GLY B 246 -11.27 -30.47 36.71
C GLY B 246 -12.00 -29.63 35.69
N ALA B 247 -13.17 -30.09 35.25
CA ALA B 247 -14.02 -29.27 34.37
C ALA B 247 -14.18 -27.87 34.96
N VAL B 248 -14.48 -27.80 36.25
CA VAL B 248 -14.76 -26.52 36.88
C VAL B 248 -13.61 -25.53 36.77
N ASP B 249 -12.38 -26.01 36.90
CA ASP B 249 -11.26 -25.11 36.79
C ASP B 249 -11.05 -24.66 35.33
N ALA B 250 -11.21 -25.61 34.39
CA ALA B 250 -11.19 -25.35 32.93
C ALA B 250 -12.20 -24.26 32.50
N VAL B 251 -13.44 -24.39 32.94
CA VAL B 251 -14.47 -23.39 32.63
C VAL B 251 -14.06 -22.06 33.19
N ARG B 252 -13.63 -22.05 34.44
CA ARG B 252 -13.25 -20.81 35.08
C ARG B 252 -12.08 -20.15 34.31
N ARG B 253 -11.07 -20.94 33.93
CA ARG B 253 -9.93 -20.38 33.23
C ARG B 253 -10.27 -19.96 31.81
N THR B 254 -11.15 -20.69 31.15
CA THR B 254 -11.63 -20.28 29.83
C THR B 254 -12.32 -18.91 29.92
N ARG B 255 -13.21 -18.76 30.88
CA ARG B 255 -13.90 -17.48 31.07
C ARG B 255 -12.93 -16.35 31.37
N GLU B 256 -11.94 -16.67 32.18
CA GLU B 256 -10.92 -15.71 32.56
C GLU B 256 -10.10 -15.27 31.35
N LEU B 257 -9.81 -16.22 30.44
CA LEU B 257 -9.10 -15.92 29.19
C LEU B 257 -9.83 -14.90 28.30
N VAL B 258 -11.14 -15.00 28.19
CA VAL B 258 -11.88 -14.00 27.42
C VAL B 258 -11.95 -12.66 28.18
N HIS B 259 -12.22 -12.71 29.47
CA HIS B 259 -12.32 -11.47 30.24
C HIS B 259 -11.02 -10.63 30.22
N THR B 260 -9.86 -11.29 30.19
CA THR B 260 -8.58 -10.58 30.32
C THR B 260 -7.80 -10.44 29.03
N GLU B 261 -7.89 -11.42 28.13
CA GLU B 261 -7.15 -11.27 26.88
C GLU B 261 -8.05 -11.16 25.65
N GLY B 262 -9.37 -11.22 25.85
CA GLY B 262 -10.31 -11.17 24.73
C GLY B 262 -10.41 -12.45 23.90
N ILE B 263 -9.64 -13.48 24.25
CA ILE B 263 -9.59 -14.72 23.43
C ILE B 263 -10.78 -15.62 23.82
N PHE B 264 -11.62 -15.92 22.83
CA PHE B 264 -12.86 -16.65 23.02
C PHE B 264 -12.49 -18.06 22.68
N ALA B 265 -12.04 -18.79 23.68
CA ALA B 265 -11.51 -20.13 23.48
C ALA B 265 -12.53 -21.20 23.89
N GLY B 266 -12.25 -22.46 23.52
CA GLY B 266 -13.00 -23.64 23.97
C GLY B 266 -12.49 -24.09 25.32
N ILE B 267 -13.14 -25.11 25.87
CA ILE B 267 -12.98 -25.46 27.27
C ILE B 267 -11.67 -26.19 27.54
N SER B 268 -11.21 -27.02 26.60
CA SER B 268 -9.90 -27.62 26.72
C SER B 268 -8.79 -26.54 26.85
N THR B 269 -9.02 -25.36 26.29
CA THR B 269 -8.06 -24.27 26.42
C THR B 269 -7.98 -23.75 27.86
N GLY B 270 -9.12 -23.73 28.55
CA GLY B 270 -9.12 -23.38 29.97
C GLY B 270 -8.23 -24.29 30.80
N ALA B 271 -8.27 -25.59 30.48
CA ALA B 271 -7.51 -26.62 31.20
C ALA B 271 -6.03 -26.49 30.97
N VAL B 272 -5.68 -26.15 29.73
CA VAL B 272 -4.30 -25.83 29.39
C VAL B 272 -3.90 -24.54 30.09
N LEU B 273 -4.79 -23.55 30.12
CA LEU B 273 -4.45 -22.29 30.76
C LEU B 273 -4.21 -22.52 32.25
N HIS B 274 -5.11 -23.28 32.87
CA HIS B 274 -5.00 -23.58 34.30
C HIS B 274 -3.66 -24.25 34.61
N ALA B 275 -3.21 -25.14 33.73
CA ALA B 275 -1.96 -25.87 33.90
C ALA B 275 -0.77 -24.97 33.64
N ALA B 276 -0.87 -24.11 32.63
CA ALA B 276 0.23 -23.19 32.32
C ALA B 276 0.42 -22.12 33.40
N LEU B 277 -0.65 -21.71 34.08
CA LEU B 277 -0.45 -20.79 35.18
C LEU B 277 0.22 -21.48 36.36
N GLY B 278 0.06 -22.81 36.46
CA GLY B 278 0.67 -23.55 37.54
C GLY B 278 2.18 -23.49 37.38
N VAL B 279 2.59 -23.69 36.15
CA VAL B 279 3.96 -23.77 35.78
C VAL B 279 4.50 -22.38 35.90
N GLY B 280 3.76 -21.40 35.37
CA GLY B 280 4.15 -20.01 35.47
C GLY B 280 4.33 -19.57 36.91
N ALA B 281 3.36 -19.90 37.76
CA ALA B 281 3.43 -19.62 39.17
C ALA B 281 4.64 -20.26 39.80
N GLY B 282 5.03 -21.43 39.29
CA GLY B 282 6.20 -22.13 39.78
C GLY B 282 7.43 -21.33 39.46
N ALA B 283 7.57 -20.89 38.21
CA ALA B 283 8.77 -20.17 37.80
C ALA B 283 8.96 -18.86 38.55
N LEU B 284 7.87 -18.10 38.69
CA LEU B 284 7.79 -16.86 39.47
C LEU B 284 8.30 -17.04 40.88
N ALA B 285 7.77 -18.04 41.56
CA ALA B 285 8.09 -18.25 42.96
C ALA B 285 9.53 -18.70 43.17
N ALA B 286 10.22 -19.12 42.10
CA ALA B 286 11.62 -19.47 42.19
C ALA B 286 12.51 -18.46 41.49
N GLY B 287 11.93 -17.35 41.06
CA GLY B 287 12.71 -16.28 40.44
C GLY B 287 13.41 -16.65 39.17
N GLU B 288 12.78 -17.52 38.37
CA GLU B 288 13.38 -18.07 37.16
C GLU B 288 12.59 -17.62 35.94
N ARG B 289 13.28 -17.24 34.87
CA ARG B 289 12.63 -16.84 33.64
C ARG B 289 11.91 -18.02 33.02
N ALA B 290 10.68 -17.79 32.61
CA ALA B 290 9.92 -18.77 31.84
C ALA B 290 9.24 -18.08 30.67
N ASP B 291 9.29 -18.72 29.51
CA ASP B 291 8.51 -18.32 28.33
C ASP B 291 7.68 -19.52 27.84
N ILE B 292 6.40 -19.54 28.20
CA ILE B 292 5.51 -20.71 28.14
C ILE B 292 4.47 -20.63 27.02
N ALA B 293 4.47 -21.60 26.13
CA ALA B 293 3.56 -21.60 24.99
C ALA B 293 2.40 -22.57 25.22
N LEU B 294 1.18 -22.11 25.00
CA LEU B 294 0.00 -22.88 25.31
C LEU B 294 -0.86 -22.93 24.06
N VAL B 295 -1.54 -24.05 23.83
CA VAL B 295 -2.31 -24.20 22.61
C VAL B 295 -3.77 -23.83 22.81
N VAL B 296 -4.32 -22.96 21.98
CA VAL B 296 -5.75 -22.74 21.95
C VAL B 296 -6.34 -23.66 20.88
N ALA B 297 -6.86 -24.79 21.29
CA ALA B 297 -7.10 -25.84 20.34
C ALA B 297 -8.30 -25.53 19.48
N ASP B 298 -9.29 -24.85 20.07
CA ASP B 298 -10.45 -24.31 19.35
C ASP B 298 -11.06 -23.10 20.07
N ALA B 299 -12.01 -22.47 19.40
CA ALA B 299 -12.68 -21.29 19.93
C ALA B 299 -13.92 -21.68 20.69
N GLY B 300 -14.54 -20.71 21.35
CA GLY B 300 -15.76 -20.94 22.11
C GLY B 300 -17.04 -21.29 21.35
N TRP B 301 -17.08 -21.05 20.03
CA TRP B 301 -18.32 -21.27 19.22
C TRP B 301 -19.05 -22.56 19.50
N LYS B 302 -18.35 -23.67 19.46
CA LYS B 302 -19.00 -24.98 19.72
C LYS B 302 -19.38 -25.28 21.16
N TYR B 303 -19.07 -24.41 22.11
CA TYR B 303 -19.39 -24.61 23.49
C TYR B 303 -20.53 -23.71 24.06
N LEU B 304 -21.17 -22.92 23.23
CA LEU B 304 -22.12 -21.93 23.75
C LEU B 304 -23.31 -22.58 24.41
N SER B 305 -23.87 -23.59 23.75
CA SER B 305 -25.02 -24.36 24.28
C SER B 305 -24.74 -25.06 25.63
N THR B 306 -23.50 -25.10 26.06
CA THR B 306 -23.17 -25.78 27.29
C THR B 306 -23.53 -24.91 28.46
N GLY B 307 -23.63 -23.60 28.25
CA GLY B 307 -23.89 -22.67 29.34
C GLY B 307 -22.67 -22.17 30.08
N ALA B 308 -21.50 -22.74 29.77
CA ALA B 308 -20.22 -22.31 30.35
C ALA B 308 -19.89 -20.80 30.22
N TYR B 309 -20.51 -20.10 29.28
CA TYR B 309 -20.17 -18.68 29.08
C TYR B 309 -21.19 -17.70 29.72
N ALA B 310 -22.24 -18.23 30.34
CA ALA B 310 -23.33 -17.41 30.84
C ALA B 310 -22.89 -16.46 31.95
N ALA C 5 -4.26 7.65 -7.85
CA ALA C 5 -3.23 7.30 -6.82
C ALA C 5 -1.95 6.72 -7.40
N ARG C 6 -2.00 5.80 -8.34
CA ARG C 6 -0.81 5.52 -9.13
C ARG C 6 -1.23 5.63 -10.59
N TYR C 7 -0.30 5.55 -11.53
CA TYR C 7 -0.68 5.86 -12.91
C TYR C 7 -0.31 4.80 -13.93
N ASP C 8 -0.94 4.93 -15.09
CA ASP C 8 -0.85 4.00 -16.22
C ASP C 8 0.08 4.53 -17.25
N SER C 9 0.31 5.83 -17.18
CA SER C 9 0.70 6.61 -18.30
C SER C 9 1.20 7.92 -17.72
N LEU C 10 2.35 8.39 -18.17
CA LEU C 10 2.87 9.64 -17.67
C LEU C 10 1.88 10.80 -17.93
N LEU C 11 1.01 10.63 -18.91
CA LEU C 11 -0.03 11.62 -19.22
C LEU C 11 -1.00 11.88 -18.07
N GLN C 12 -1.19 10.89 -17.20
CA GLN C 12 -2.02 11.01 -16.01
C GLN C 12 -1.30 11.70 -14.87
N ALA C 13 0.03 11.68 -14.88
CA ALA C 13 0.84 12.38 -13.89
C ALA C 13 1.01 13.86 -14.21
N LEU C 14 -0.08 14.55 -14.48
CA LEU C 14 -0.04 15.93 -14.87
C LEU C 14 -1.07 16.63 -14.01
N GLY C 15 -0.87 17.91 -13.75
CA GLY C 15 -1.79 18.66 -12.90
C GLY C 15 -1.47 18.45 -11.42
N ASN C 16 -2.36 18.91 -10.56
CA ASN C 16 -2.14 18.78 -9.14
C ASN C 16 -0.75 19.24 -8.74
N THR C 17 -0.42 20.43 -9.17
CA THR C 17 0.88 20.99 -8.93
C THR C 17 0.90 21.67 -7.55
N PRO C 18 2.02 21.55 -6.82
CA PRO C 18 1.99 22.07 -5.45
C PRO C 18 1.96 23.58 -5.39
N LEU C 19 1.50 24.10 -4.26
CA LEU C 19 1.46 25.52 -4.04
C LEU C 19 2.38 25.83 -2.86
N VAL C 20 3.36 26.68 -3.09
CA VAL C 20 4.30 26.98 -2.02
C VAL C 20 4.24 28.48 -1.68
N GLY C 21 4.19 28.74 -0.39
CA GLY C 21 4.11 30.09 0.13
C GLY C 21 5.51 30.61 0.22
N LEU C 22 5.71 31.80 -0.33
CA LEU C 22 7.02 32.44 -0.36
C LEU C 22 7.12 33.39 0.83
N GLN C 23 7.73 32.93 1.91
CA GLN C 23 7.69 33.70 3.18
C GLN C 23 8.75 34.79 3.29
N ARG C 24 9.89 34.58 2.66
CA ARG C 24 10.97 35.53 2.77
C ARG C 24 10.74 36.62 1.72
N LEU C 25 10.08 36.26 0.64
CA LEU C 25 9.87 37.20 -0.44
C LEU C 25 8.48 37.86 -0.36
N SER C 26 7.54 37.26 0.38
CA SER C 26 6.23 37.89 0.58
C SER C 26 6.41 39.26 1.21
N PRO C 27 5.68 40.27 0.72
CA PRO C 27 5.68 41.61 1.30
C PRO C 27 5.52 41.63 2.82
N ARG C 28 4.62 40.81 3.34
CA ARG C 28 4.43 40.65 4.79
C ARG C 28 3.67 39.33 5.04
N TRP C 29 4.31 38.39 5.74
CA TRP C 29 3.77 37.03 5.95
C TRP C 29 3.09 36.84 7.30
N ASP C 30 3.56 37.56 8.31
CA ASP C 30 2.98 37.47 9.67
C ASP C 30 1.71 38.33 9.81
N ASP C 31 0.83 37.90 10.71
CA ASP C 31 -0.44 38.60 10.97
C ASP C 31 -0.31 39.60 12.10
N HIS C 37 -1.97 40.61 6.32
CA HIS C 37 -0.76 40.19 5.66
C HIS C 37 -0.83 40.32 4.15
N VAL C 38 0.34 40.27 3.51
CA VAL C 38 0.40 40.28 2.05
C VAL C 38 1.30 39.16 1.58
N ARG C 39 0.68 38.01 1.31
CA ARG C 39 1.40 36.77 1.02
C ARG C 39 1.53 36.41 -0.45
N LEU C 40 2.62 35.73 -0.79
CA LEU C 40 2.88 35.28 -2.16
C LEU C 40 2.88 33.76 -2.28
N TRP C 41 2.05 33.23 -3.20
CA TRP C 41 1.91 31.79 -3.37
C TRP C 41 2.29 31.37 -4.79
N ALA C 42 3.30 30.51 -4.88
CA ALA C 42 3.81 30.03 -6.16
C ALA C 42 3.18 28.70 -6.49
N LYS C 43 2.62 28.61 -7.68
CA LYS C 43 2.18 27.34 -8.24
C LYS C 43 3.22 26.80 -9.23
N LEU C 44 3.79 25.67 -8.87
CA LEU C 44 4.92 25.08 -9.56
C LEU C 44 4.43 24.20 -10.68
N GLU C 45 4.14 24.84 -11.82
CA GLU C 45 3.80 24.11 -13.03
C GLU C 45 4.97 23.40 -13.69
N ASP C 46 6.18 23.53 -13.15
CA ASP C 46 7.31 22.68 -13.60
C ASP C 46 7.20 21.22 -13.12
N ARG C 47 6.32 20.92 -12.15
CA ARG C 47 6.02 19.52 -11.72
C ARG C 47 4.99 18.91 -12.67
N ASN C 48 5.39 18.66 -13.90
CA ASN C 48 4.49 18.23 -14.95
C ASN C 48 5.33 17.38 -15.87
N PRO C 49 4.70 16.46 -16.62
CA PRO C 49 5.41 15.48 -17.44
C PRO C 49 6.63 15.97 -18.25
N THR C 50 6.60 17.23 -18.70
CA THR C 50 7.73 17.79 -19.45
C THR C 50 8.28 19.07 -18.85
N GLY C 51 7.85 19.40 -17.64
CA GLY C 51 8.43 20.50 -16.91
C GLY C 51 7.79 21.83 -17.27
N SER C 52 6.54 21.82 -17.72
CA SER C 52 5.82 23.07 -17.91
C SER C 52 4.31 22.96 -17.93
N ILE C 53 3.72 24.14 -18.00
CA ILE C 53 2.30 24.37 -17.86
C ILE C 53 1.56 23.94 -19.09
N LYS C 54 2.22 24.04 -20.24
CA LYS C 54 1.63 23.59 -21.48
C LYS C 54 1.26 22.13 -21.47
N ASP C 55 1.73 21.34 -20.50
CA ASP C 55 1.35 19.94 -20.46
C ASP C 55 -0.15 19.86 -20.33
N ARG C 56 -0.71 20.82 -19.62
CA ARG C 56 -2.13 20.98 -19.53
C ARG C 56 -2.84 21.21 -20.87
N PRO C 57 -2.63 22.36 -21.52
CA PRO C 57 -3.48 22.56 -22.70
C PRO C 57 -3.10 21.62 -23.84
N ALA C 58 -1.87 21.16 -23.84
CA ALA C 58 -1.41 20.26 -24.88
C ALA C 58 -2.17 18.95 -24.86
N VAL C 59 -2.29 18.32 -23.69
CA VAL C 59 -2.91 16.97 -23.63
C VAL C 59 -4.40 17.07 -23.92
N ARG C 60 -5.04 18.12 -23.43
CA ARG C 60 -6.46 18.30 -23.64
C ARG C 60 -6.80 18.60 -25.10
N MET C 61 -5.96 19.39 -25.76
CA MET C 61 -6.14 19.71 -27.17
C MET C 61 -6.10 18.47 -28.04
N ILE C 62 -5.26 17.50 -27.68
CA ILE C 62 -5.18 16.24 -28.42
C ILE C 62 -6.40 15.37 -28.09
N GLU C 63 -6.78 15.32 -26.81
CA GLU C 63 -7.88 14.47 -26.39
C GLU C 63 -9.21 14.98 -26.92
N GLN C 64 -9.35 16.30 -26.96
CA GLN C 64 -10.49 16.99 -27.56
C GLN C 64 -10.61 16.69 -29.04
N ALA C 65 -9.48 16.59 -29.71
CA ALA C 65 -9.45 16.28 -31.14
C ALA C 65 -9.77 14.82 -31.34
N GLU C 66 -9.25 14.00 -30.42
CA GLU C 66 -9.50 12.57 -30.40
C GLU C 66 -11.02 12.27 -30.29
N ALA C 67 -11.67 12.92 -29.33
CA ALA C 67 -13.13 12.93 -29.19
C ALA C 67 -13.79 13.47 -30.47
N ASP C 68 -13.37 14.65 -30.90
CA ASP C 68 -13.99 15.31 -32.02
C ASP C 68 -13.81 14.57 -33.35
N GLY C 69 -13.01 13.51 -33.36
CA GLY C 69 -12.91 12.65 -34.55
C GLY C 69 -11.96 13.22 -35.56
N LEU C 70 -11.09 14.12 -35.10
CA LEU C 70 -10.13 14.83 -35.95
C LEU C 70 -8.84 14.04 -36.12
N LEU C 71 -8.47 13.22 -35.14
CA LEU C 71 -7.23 12.46 -35.21
C LEU C 71 -7.50 10.98 -35.27
N ARG C 72 -6.97 10.32 -36.29
CA ARG C 72 -6.88 8.87 -36.35
C ARG C 72 -5.43 8.46 -36.08
N PRO C 73 -5.20 7.22 -35.59
CA PRO C 73 -3.82 6.88 -35.21
C PRO C 73 -2.85 7.07 -36.37
N GLY C 74 -1.64 7.48 -36.06
CA GLY C 74 -0.63 7.74 -37.07
C GLY C 74 -0.84 9.04 -37.84
N ALA C 75 -1.73 9.91 -37.38
CA ALA C 75 -1.91 11.22 -38.03
C ALA C 75 -0.77 12.15 -37.63
N THR C 76 -0.48 13.13 -38.49
CA THR C 76 0.54 14.11 -38.20
C THR C 76 -0.12 15.37 -37.65
N ILE C 77 0.44 15.87 -36.55
CA ILE C 77 0.01 17.10 -35.92
C ILE C 77 1.03 18.19 -36.25
N LEU C 78 0.51 19.38 -36.51
CA LEU C 78 1.29 20.56 -36.88
C LEU C 78 1.00 21.64 -35.87
N GLU C 79 2.02 22.26 -35.31
CA GLU C 79 1.79 23.33 -34.33
C GLU C 79 2.91 24.37 -34.31
N PRO C 80 2.56 25.67 -34.39
CA PRO C 80 3.54 26.72 -34.12
C PRO C 80 3.80 26.85 -32.62
N THR C 81 5.06 26.96 -32.22
CA THR C 81 5.40 27.06 -30.81
C THR C 81 6.66 27.89 -30.62
N SER C 82 6.81 28.40 -29.41
CA SER C 82 8.04 29.05 -28.98
C SER C 82 8.86 28.07 -28.15
N GLY C 83 8.28 26.90 -27.88
CA GLY C 83 9.01 25.80 -27.26
C GLY C 83 8.14 24.82 -26.51
N ASN C 84 7.58 25.32 -25.42
CA ASN C 84 6.96 24.46 -24.43
C ASN C 84 5.83 23.63 -24.93
N THR C 85 5.01 24.23 -25.78
CA THR C 85 3.88 23.53 -26.35
C THR C 85 4.34 22.43 -27.29
N GLY C 86 5.35 22.69 -28.09
CA GLY C 86 5.83 21.68 -29.01
C GLY C 86 6.40 20.51 -28.24
N ILE C 87 7.13 20.84 -27.18
CA ILE C 87 7.69 19.86 -26.27
C ILE C 87 6.60 18.98 -25.64
N SER C 88 5.51 19.59 -25.19
CA SER C 88 4.40 18.86 -24.61
C SER C 88 3.75 17.95 -25.64
N LEU C 89 3.27 18.54 -26.73
CA LEU C 89 2.70 17.77 -27.86
C LEU C 89 3.63 16.71 -28.33
N ALA C 90 4.93 17.01 -28.29
CA ALA C 90 5.94 16.05 -28.72
C ALA C 90 5.88 14.82 -27.84
N MET C 91 5.93 15.07 -26.53
CA MET C 91 5.80 14.00 -25.52
C MET C 91 4.46 13.26 -25.61
N ALA C 92 3.34 13.99 -25.69
CA ALA C 92 2.02 13.33 -25.79
C ALA C 92 1.85 12.57 -27.13
N ALA C 93 2.35 13.16 -28.21
CA ALA C 93 2.28 12.51 -29.52
C ALA C 93 3.03 11.19 -29.59
N ARG C 94 4.15 11.10 -28.89
CA ARG C 94 4.86 9.82 -28.74
C ARG C 94 3.94 8.80 -28.12
N LEU C 95 3.26 9.20 -27.07
CA LEU C 95 2.46 8.27 -26.29
C LEU C 95 1.23 7.83 -27.04
N LYS C 96 0.57 8.73 -27.75
CA LYS C 96 -0.70 8.40 -28.45
C LYS C 96 -0.52 7.92 -29.90
N GLY C 97 0.73 7.80 -30.36
CA GLY C 97 1.00 7.25 -31.68
C GLY C 97 0.94 8.22 -32.84
N TYR C 98 0.88 9.53 -32.54
CA TYR C 98 0.87 10.58 -33.59
C TYR C 98 2.28 11.12 -33.83
N ARG C 99 2.53 11.58 -35.06
CA ARG C 99 3.79 12.25 -35.40
C ARG C 99 3.57 13.75 -35.25
N LEU C 100 4.63 14.49 -34.95
CA LEU C 100 4.51 15.92 -34.76
C LEU C 100 5.45 16.73 -35.66
N ILE C 101 4.94 17.86 -36.15
CA ILE C 101 5.77 18.90 -36.76
C ILE C 101 5.53 20.21 -36.02
N CYS C 102 6.59 20.77 -35.47
CA CYS C 102 6.57 22.06 -34.82
C CYS C 102 7.22 23.07 -35.72
N VAL C 103 6.69 24.30 -35.73
CA VAL C 103 7.38 25.43 -36.37
C VAL C 103 7.81 26.33 -35.24
N MET C 104 9.07 26.68 -35.22
CA MET C 104 9.60 27.39 -34.08
C MET C 104 10.61 28.42 -34.58
N PRO C 105 10.58 29.65 -34.04
CA PRO C 105 11.59 30.59 -34.52
C PRO C 105 13.00 30.04 -34.39
N GLU C 106 13.86 30.39 -35.33
CA GLU C 106 15.22 29.91 -35.27
C GLU C 106 16.02 30.55 -34.12
N ASN C 107 15.48 31.59 -33.48
CA ASN C 107 16.17 32.24 -32.36
C ASN C 107 15.65 31.81 -30.99
N THR C 108 15.73 30.51 -30.72
CA THR C 108 15.24 29.94 -29.46
C THR C 108 16.33 29.09 -28.81
N SER C 109 16.15 28.71 -27.54
CA SER C 109 17.25 28.08 -26.82
C SER C 109 17.47 26.69 -27.36
N VAL C 110 18.75 26.32 -27.44
CA VAL C 110 19.19 24.99 -27.88
C VAL C 110 18.49 23.90 -27.07
N GLU C 111 18.21 24.20 -25.80
CA GLU C 111 17.57 23.22 -24.94
C GLU C 111 16.25 22.81 -25.57
N ARG C 112 15.44 23.79 -25.99
CA ARG C 112 14.19 23.51 -26.74
C ARG C 112 14.37 22.64 -27.97
N ARG C 113 15.37 22.95 -28.77
CA ARG C 113 15.65 22.16 -29.95
C ARG C 113 15.93 20.70 -29.56
N GLN C 114 16.73 20.51 -28.51
CA GLN C 114 17.13 19.16 -28.09
C GLN C 114 15.95 18.33 -27.61
N LEU C 115 15.15 18.91 -26.72
CA LEU C 115 13.99 18.21 -26.19
C LEU C 115 13.04 17.85 -27.28
N LEU C 116 12.76 18.80 -28.18
CA LEU C 116 11.84 18.56 -29.29
C LEU C 116 12.34 17.36 -30.11
N GLU C 117 13.64 17.32 -30.34
CA GLU C 117 14.24 16.23 -31.10
C GLU C 117 14.43 14.96 -30.30
N LEU C 118 14.61 15.08 -28.99
CA LEU C 118 14.62 13.90 -28.14
C LEU C 118 13.27 13.17 -28.25
N TYR C 119 12.17 13.91 -28.24
CA TYR C 119 10.84 13.30 -28.34
C TYR C 119 10.44 12.90 -29.76
N GLY C 120 11.32 13.16 -30.73
CA GLY C 120 11.12 12.66 -32.10
C GLY C 120 10.30 13.60 -32.96
N ALA C 121 10.08 14.82 -32.47
CA ALA C 121 9.30 15.79 -33.20
C ALA C 121 10.17 16.36 -34.31
N GLN C 122 9.55 16.64 -35.43
CA GLN C 122 10.22 17.23 -36.57
C GLN C 122 10.10 18.72 -36.38
N ILE C 123 11.16 19.47 -36.62
CA ILE C 123 11.16 20.94 -36.44
C ILE C 123 11.37 21.72 -37.75
N ILE C 124 10.46 22.64 -38.05
CA ILE C 124 10.70 23.64 -39.08
C ILE C 124 11.04 24.92 -38.32
N PHE C 125 12.27 25.43 -38.52
CA PHE C 125 12.71 26.67 -37.90
C PHE C 125 12.36 27.90 -38.75
N SER C 126 11.34 28.64 -38.33
CA SER C 126 10.93 29.88 -39.00
C SER C 126 11.96 31.01 -38.75
N ALA C 127 12.00 31.95 -39.67
CA ALA C 127 12.94 33.08 -39.62
C ALA C 127 12.79 33.84 -38.33
N ALA C 128 13.94 34.27 -37.81
CA ALA C 128 13.97 35.01 -36.55
C ALA C 128 13.19 36.30 -36.65
N GLU C 129 13.35 37.00 -37.78
CA GLU C 129 12.80 38.35 -37.97
C GLU C 129 11.51 38.60 -37.23
N GLY C 130 10.50 37.79 -37.52
CA GLY C 130 9.17 38.01 -37.00
C GLY C 130 8.71 37.10 -35.88
N GLY C 131 9.60 36.27 -35.33
CA GLY C 131 9.27 35.46 -34.15
C GLY C 131 8.14 34.44 -34.30
N SER C 132 7.25 34.40 -33.32
CA SER C 132 6.12 33.48 -33.34
C SER C 132 5.08 33.88 -34.36
N ASN C 133 5.20 35.11 -34.82
CA ASN C 133 4.29 35.70 -35.77
C ASN C 133 4.47 35.06 -37.14
N THR C 134 5.75 34.85 -37.45
CA THR C 134 6.19 34.20 -38.69
C THR C 134 6.06 32.66 -38.64
N ALA C 135 6.13 32.11 -37.43
CA ALA C 135 5.93 30.69 -37.20
C ALA C 135 4.47 30.33 -37.40
N VAL C 136 3.60 31.15 -36.81
CA VAL C 136 2.16 31.05 -37.02
C VAL C 136 1.81 31.14 -38.51
N ALA C 137 2.30 32.18 -39.18
CA ALA C 137 2.03 32.35 -40.61
C ALA C 137 2.50 31.12 -41.39
N THR C 138 3.69 30.62 -41.04
CA THR C 138 4.28 29.45 -41.70
C THR C 138 3.45 28.20 -41.50
N ALA C 139 3.17 27.88 -40.24
CA ALA C 139 2.33 26.75 -39.89
C ALA C 139 1.00 26.89 -40.64
N LYS C 140 0.36 28.05 -40.55
CA LYS C 140 -0.87 28.30 -41.31
C LYS C 140 -0.71 27.94 -42.78
N GLU C 141 0.37 28.39 -43.40
CA GLU C 141 0.65 28.07 -44.80
C GLU C 141 0.80 26.55 -44.97
N LEU C 142 1.46 25.90 -44.00
CA LEU C 142 1.64 24.46 -44.04
C LEU C 142 0.33 23.70 -43.87
N ALA C 143 -0.53 24.16 -42.97
CA ALA C 143 -1.84 23.53 -42.79
C ALA C 143 -2.61 23.43 -44.12
N ALA C 144 -2.61 24.50 -44.92
CA ALA C 144 -3.47 24.58 -46.10
C ALA C 144 -2.96 23.75 -47.27
N THR C 145 -1.64 23.55 -47.34
CA THR C 145 -1.03 22.58 -48.26
C THR C 145 -1.41 21.15 -47.94
N ASN C 146 -1.51 20.86 -46.64
CA ASN C 146 -1.75 19.51 -46.14
C ASN C 146 -2.94 19.44 -45.20
N PRO C 147 -4.12 19.11 -45.76
CA PRO C 147 -5.30 18.92 -44.91
C PRO C 147 -5.23 17.66 -44.06
N SER C 148 -4.38 16.70 -44.39
CA SER C 148 -4.24 15.51 -43.54
C SER C 148 -3.47 15.82 -42.26
N TRP C 149 -2.74 16.93 -42.26
CA TRP C 149 -2.14 17.42 -41.03
C TRP C 149 -3.15 18.18 -40.15
N VAL C 150 -3.08 17.92 -38.86
CA VAL C 150 -4.01 18.49 -37.91
C VAL C 150 -3.32 19.54 -37.06
N MET C 151 -3.79 20.79 -37.20
CA MET C 151 -3.26 21.92 -36.46
C MET C 151 -4.25 22.33 -35.39
N LEU C 152 -4.02 21.81 -34.20
CA LEU C 152 -4.79 22.15 -33.00
C LEU C 152 -4.87 23.66 -32.74
N TYR C 153 -3.82 24.38 -33.12
CA TYR C 153 -3.77 25.85 -33.08
C TYR C 153 -4.02 26.46 -31.70
N GLN C 154 -2.95 26.53 -30.92
CA GLN C 154 -3.05 26.83 -29.50
C GLN C 154 -3.57 28.23 -29.13
N TYR C 155 -3.52 29.14 -30.08
CA TYR C 155 -3.98 30.52 -29.86
C TYR C 155 -5.51 30.67 -29.87
N GLY C 156 -6.20 29.87 -30.69
CA GLY C 156 -7.66 29.96 -30.87
C GLY C 156 -8.40 28.64 -30.68
N ASN C 157 -8.03 27.90 -29.63
CA ASN C 157 -8.58 26.58 -29.34
C ASN C 157 -9.07 26.51 -27.90
N PRO C 158 -10.39 26.36 -27.70
CA PRO C 158 -10.99 26.45 -26.37
C PRO C 158 -10.53 25.35 -25.43
N ALA C 159 -9.94 24.30 -25.98
CA ALA C 159 -9.40 23.23 -25.15
C ALA C 159 -8.18 23.73 -24.36
N ASN C 160 -7.56 24.83 -24.82
CA ASN C 160 -6.47 25.45 -24.08
C ASN C 160 -7.00 26.06 -22.79
N THR C 161 -7.88 27.04 -22.93
CA THR C 161 -8.60 27.67 -21.80
C THR C 161 -9.28 26.62 -20.90
N ASP C 162 -9.95 25.64 -21.50
CA ASP C 162 -10.65 24.62 -20.71
C ASP C 162 -9.71 23.83 -19.80
N SER C 163 -8.51 23.48 -20.25
CA SER C 163 -7.57 22.78 -19.37
C SER C 163 -7.40 23.57 -18.05
N HIS C 164 -7.39 24.89 -18.14
CA HIS C 164 -7.15 25.70 -16.97
C HIS C 164 -8.42 25.97 -16.19
N TYR C 165 -9.55 26.03 -16.91
CA TYR C 165 -10.85 26.16 -16.29
C TYR C 165 -11.18 24.92 -15.46
N CYS C 166 -10.83 23.75 -16.00
CA CYS C 166 -11.11 22.48 -15.36
C CYS C 166 -9.94 21.93 -14.58
N GLY C 167 -8.85 22.67 -14.44
CA GLY C 167 -7.65 22.13 -13.81
C GLY C 167 -6.99 23.09 -12.85
N THR C 168 -6.22 24.02 -13.41
CA THR C 168 -5.42 24.98 -12.64
C THR C 168 -6.22 25.78 -11.62
N GLY C 169 -7.40 26.26 -12.03
CA GLY C 169 -8.27 26.99 -11.13
C GLY C 169 -8.81 26.17 -9.97
N PRO C 170 -9.50 25.06 -10.28
CA PRO C 170 -9.99 24.23 -9.21
C PRO C 170 -8.96 23.91 -8.14
N GLU C 171 -7.75 23.54 -8.56
CA GLU C 171 -6.67 23.22 -7.59
C GLU C 171 -6.21 24.41 -6.78
N LEU C 172 -6.34 25.59 -7.36
CA LEU C 172 -5.96 26.85 -6.72
C LEU C 172 -6.98 27.15 -5.63
N LEU C 173 -8.23 27.24 -6.01
CA LEU C 173 -9.29 27.49 -5.06
C LEU C 173 -9.21 26.50 -3.90
N ALA C 174 -9.02 25.23 -4.22
CA ALA C 174 -8.95 24.18 -3.20
C ALA C 174 -7.85 24.42 -2.19
N ASP C 175 -6.69 24.83 -2.68
CA ASP C 175 -5.51 24.94 -1.85
C ASP C 175 -5.48 26.28 -1.19
N LEU C 176 -6.06 27.26 -1.85
CA LEU C 176 -6.00 28.62 -1.36
C LEU C 176 -7.36 29.27 -1.55
N PRO C 177 -8.37 28.88 -0.74
CA PRO C 177 -9.66 29.51 -0.93
C PRO C 177 -9.65 30.99 -0.58
N GLU C 178 -8.81 31.36 0.37
CA GLU C 178 -8.65 32.75 0.76
C GLU C 178 -8.03 33.62 -0.36
N ILE C 179 -7.71 33.00 -1.51
CA ILE C 179 -7.18 33.72 -2.69
C ILE C 179 -7.89 35.05 -2.99
N THR C 180 -7.10 36.08 -3.22
CA THR C 180 -7.60 37.39 -3.67
C THR C 180 -7.19 37.71 -5.11
N HIS C 181 -5.96 37.32 -5.49
CA HIS C 181 -5.40 37.57 -6.82
C HIS C 181 -4.83 36.28 -7.44
N PHE C 182 -4.76 36.28 -8.77
CA PHE C 182 -4.04 35.24 -9.50
C PHE C 182 -3.25 35.95 -10.58
N VAL C 183 -1.92 35.87 -10.50
CA VAL C 183 -1.05 36.48 -11.50
C VAL C 183 -0.48 35.41 -12.44
N ALA C 184 -0.34 35.77 -13.71
CA ALA C 184 0.18 34.84 -14.71
C ALA C 184 0.58 35.56 -15.97
N GLY C 185 1.49 34.94 -16.72
CA GLY C 185 1.90 35.45 -17.99
C GLY C 185 0.76 35.32 -18.96
N LEU C 186 0.84 36.15 -20.00
CA LEU C 186 -0.18 36.23 -21.02
C LEU C 186 0.45 35.91 -22.35
N GLY C 187 0.13 34.74 -22.90
CA GLY C 187 0.72 34.26 -24.16
C GLY C 187 -0.32 33.83 -25.17
N THR C 188 -0.79 32.60 -25.09
CA THR C 188 -1.98 32.15 -25.85
C THR C 188 -3.21 32.72 -25.19
N THR C 189 -3.05 33.00 -23.90
CA THR C 189 -4.04 33.56 -22.98
C THR C 189 -4.81 32.49 -22.17
N GLY C 190 -4.77 31.23 -22.62
CA GLY C 190 -5.42 30.11 -21.93
C GLY C 190 -5.35 30.11 -20.41
N THR C 191 -4.22 30.47 -19.83
CA THR C 191 -4.03 30.32 -18.37
C THR C 191 -4.82 31.35 -17.59
N LEU C 192 -4.69 32.61 -17.98
CA LEU C 192 -5.48 33.67 -17.36
C LEU C 192 -6.98 33.56 -17.69
N MET C 193 -7.32 33.18 -18.92
CA MET C 193 -8.73 33.11 -19.31
C MET C 193 -9.45 31.97 -18.62
N GLY C 194 -8.86 30.77 -18.65
CA GLY C 194 -9.47 29.59 -18.03
C GLY C 194 -9.44 29.69 -16.52
N THR C 195 -8.25 29.86 -15.95
CA THR C 195 -8.12 29.99 -14.51
C THR C 195 -8.89 31.23 -14.00
N GLY C 196 -8.97 32.27 -14.82
CA GLY C 196 -9.64 33.52 -14.44
C GLY C 196 -11.16 33.47 -14.52
N ARG C 197 -11.71 32.69 -15.42
CA ARG C 197 -13.16 32.53 -15.49
C ARG C 197 -13.61 31.69 -14.29
N PHE C 198 -12.83 30.70 -13.94
CA PHE C 198 -13.16 29.83 -12.83
C PHE C 198 -13.10 30.56 -11.49
N LEU C 199 -12.13 31.46 -11.35
CA LEU C 199 -11.99 32.18 -10.10
C LEU C 199 -13.00 33.30 -9.92
N ARG C 200 -13.29 34.06 -10.98
CA ARG C 200 -14.36 35.09 -10.95
C ARG C 200 -15.72 34.52 -10.50
N GLU C 201 -16.10 33.39 -11.07
CA GLU C 201 -17.31 32.65 -10.71
C GLU C 201 -17.32 32.03 -9.29
N HIS C 202 -16.20 32.01 -8.59
CA HIS C 202 -16.12 31.33 -7.31
C HIS C 202 -15.63 32.18 -6.17
N VAL C 203 -15.18 33.39 -6.47
CA VAL C 203 -14.54 34.25 -5.50
C VAL C 203 -14.99 35.66 -5.83
N ALA C 204 -15.38 36.40 -4.79
CA ALA C 204 -15.95 37.72 -4.94
C ALA C 204 -14.83 38.73 -4.99
N ASN C 205 -14.88 39.62 -5.98
CA ASN C 205 -13.86 40.65 -6.17
C ASN C 205 -12.42 40.09 -6.23
N VAL C 206 -12.30 38.86 -6.72
CA VAL C 206 -11.01 38.25 -7.04
C VAL C 206 -10.44 39.02 -8.23
N LYS C 207 -9.11 39.10 -8.33
CA LYS C 207 -8.45 39.89 -9.38
C LYS C 207 -7.43 39.09 -10.23
N ILE C 208 -7.55 39.23 -11.54
CA ILE C 208 -6.82 38.41 -12.51
C ILE C 208 -5.81 39.26 -13.26
N VAL C 209 -4.56 39.18 -12.81
CA VAL C 209 -3.49 40.08 -13.24
C VAL C 209 -2.58 39.43 -14.28
N ALA C 210 -2.21 40.17 -15.32
CA ALA C 210 -1.41 39.66 -16.42
C ALA C 210 -0.05 40.33 -16.56
N ALA C 211 0.96 39.52 -16.85
CA ALA C 211 2.27 39.99 -17.26
C ALA C 211 2.46 39.66 -18.74
N GLU C 212 3.02 40.60 -19.48
CA GLU C 212 3.32 40.39 -20.91
C GLU C 212 4.63 41.11 -21.23
N PRO C 213 5.30 40.71 -22.33
CA PRO C 213 6.63 41.28 -22.61
C PRO C 213 6.60 42.77 -23.01
N ARG C 214 7.78 43.38 -23.12
CA ARG C 214 7.91 44.76 -23.56
C ARG C 214 9.15 44.95 -24.44
N PRO C 231 -4.46 36.78 -30.94
CA PRO C 231 -4.47 35.92 -29.75
C PRO C 231 -5.92 35.62 -29.36
N GLU C 232 -6.56 34.79 -30.17
CA GLU C 232 -8.03 34.72 -30.30
C GLU C 232 -8.75 34.12 -29.09
N LEU C 233 -8.03 33.44 -28.21
CA LEU C 233 -8.63 32.90 -27.01
C LEU C 233 -8.95 34.02 -26.01
N TYR C 234 -8.34 35.18 -26.24
CA TYR C 234 -8.39 36.30 -25.31
C TYR C 234 -9.80 36.87 -25.17
N ASP C 235 -10.06 37.44 -24.01
CA ASP C 235 -11.30 38.15 -23.77
C ASP C 235 -11.01 39.36 -22.87
N PRO C 236 -11.43 40.55 -23.30
CA PRO C 236 -11.18 41.74 -22.49
C PRO C 236 -11.89 41.81 -21.12
N GLU C 237 -12.80 40.88 -20.82
CA GLU C 237 -13.64 40.97 -19.60
C GLU C 237 -12.98 40.37 -18.34
N ILE C 238 -12.02 39.46 -18.53
CA ILE C 238 -11.55 38.62 -17.43
C ILE C 238 -10.45 39.25 -16.57
N LEU C 239 -9.65 40.15 -17.13
CA LEU C 239 -8.53 40.73 -16.39
C LEU C 239 -8.94 41.86 -15.44
N THR C 240 -8.30 41.94 -14.27
CA THR C 240 -8.33 43.13 -13.43
C THR C 240 -7.28 44.10 -13.95
N ALA C 241 -6.01 43.66 -13.95
CA ALA C 241 -4.88 44.53 -14.34
C ALA C 241 -3.98 43.97 -15.48
N ARG C 242 -3.03 44.78 -15.94
CA ARG C 242 -2.02 44.32 -16.89
C ARG C 242 -0.72 45.12 -16.75
N TYR C 243 0.36 44.43 -16.39
CA TYR C 243 1.72 45.00 -16.40
C TYR C 243 2.45 44.46 -17.63
N SER C 244 3.24 45.29 -18.27
CA SER C 244 4.17 44.80 -19.26
C SER C 244 5.48 44.83 -18.55
N VAL C 245 6.20 43.72 -18.56
CA VAL C 245 7.46 43.68 -17.85
C VAL C 245 8.62 43.72 -18.84
N GLY C 246 9.69 44.40 -18.42
CA GLY C 246 10.92 44.49 -19.20
C GLY C 246 11.78 43.28 -18.89
N ALA C 247 12.45 42.78 -19.95
CA ALA C 247 13.33 41.61 -19.87
C ALA C 247 14.34 41.72 -18.74
N VAL C 248 14.97 42.88 -18.63
CA VAL C 248 16.00 43.09 -17.62
C VAL C 248 15.42 42.78 -16.26
N ASP C 249 14.31 43.43 -15.92
CA ASP C 249 13.64 43.17 -14.66
C ASP C 249 13.23 41.70 -14.55
N ALA C 250 12.69 41.12 -15.62
CA ALA C 250 12.28 39.73 -15.57
C ALA C 250 13.45 38.83 -15.21
N VAL C 251 14.59 39.02 -15.88
CA VAL C 251 15.77 38.24 -15.51
C VAL C 251 16.10 38.54 -14.04
N ARG C 252 16.04 39.82 -13.67
CA ARG C 252 16.45 40.27 -12.34
C ARG C 252 15.57 39.65 -11.23
N ARG C 253 14.25 39.61 -11.43
CA ARG C 253 13.36 38.95 -10.45
C ARG C 253 13.48 37.42 -10.45
N THR C 254 13.87 36.81 -11.59
CA THR C 254 14.08 35.36 -11.66
C THR C 254 15.32 34.95 -10.88
N ARG C 255 16.34 35.78 -10.91
CA ARG C 255 17.53 35.61 -10.09
C ARG C 255 17.17 35.72 -8.59
N GLU C 256 16.21 36.56 -8.26
CA GLU C 256 15.87 36.83 -6.87
C GLU C 256 14.98 35.74 -6.29
N LEU C 257 14.15 35.13 -7.14
CA LEU C 257 13.39 33.93 -6.77
C LEU C 257 14.35 32.82 -6.33
N VAL C 258 15.36 32.55 -7.15
CA VAL C 258 16.31 31.53 -6.84
C VAL C 258 17.06 31.87 -5.56
N HIS C 259 17.49 33.13 -5.42
CA HIS C 259 18.33 33.47 -4.26
C HIS C 259 17.56 33.51 -2.97
N THR C 260 16.26 33.71 -3.06
CA THR C 260 15.47 33.95 -1.87
C THR C 260 14.67 32.72 -1.49
N GLU C 261 13.96 32.15 -2.47
CA GLU C 261 12.99 31.10 -2.19
C GLU C 261 13.45 29.73 -2.61
N GLY C 262 14.62 29.67 -3.24
CA GLY C 262 15.17 28.43 -3.74
C GLY C 262 14.54 27.90 -5.03
N ILE C 263 13.68 28.70 -5.66
CA ILE C 263 12.91 28.22 -6.79
C ILE C 263 13.58 28.62 -8.08
N PHE C 264 14.12 27.60 -8.76
CA PHE C 264 14.75 27.75 -10.05
C PHE C 264 13.70 27.82 -11.17
N ALA C 265 13.10 28.98 -11.30
CA ALA C 265 12.03 29.17 -12.25
C ALA C 265 12.57 29.65 -13.60
N GLY C 266 11.71 29.58 -14.62
CA GLY C 266 12.02 30.15 -15.93
C GLY C 266 11.80 31.65 -15.95
N ILE C 267 11.97 32.26 -17.11
CA ILE C 267 12.02 33.71 -17.20
C ILE C 267 10.64 34.36 -17.11
N SER C 268 9.66 33.73 -17.78
CA SER C 268 8.30 34.25 -17.76
C SER C 268 7.89 34.42 -16.32
N THR C 269 8.27 33.46 -15.49
CA THR C 269 8.03 33.49 -14.06
C THR C 269 8.54 34.72 -13.38
N GLY C 270 9.68 35.22 -13.83
CA GLY C 270 10.23 36.45 -13.28
C GLY C 270 9.37 37.64 -13.66
N ALA C 271 9.00 37.72 -14.94
CA ALA C 271 8.03 38.71 -15.38
C ALA C 271 6.78 38.67 -14.50
N VAL C 272 6.30 37.46 -14.22
CA VAL C 272 5.15 37.24 -13.35
C VAL C 272 5.41 37.72 -11.91
N LEU C 273 6.50 37.26 -11.31
CA LEU C 273 6.88 37.71 -9.97
C LEU C 273 6.90 39.23 -9.86
N HIS C 274 7.41 39.90 -10.90
CA HIS C 274 7.49 41.36 -10.94
C HIS C 274 6.10 41.96 -10.76
N ALA C 275 5.15 41.50 -11.56
CA ALA C 275 3.78 41.98 -11.48
C ALA C 275 3.17 41.66 -10.10
N ALA C 276 3.41 40.46 -9.60
CA ALA C 276 2.82 40.04 -8.33
C ALA C 276 3.31 40.89 -7.17
N LEU C 277 4.54 41.41 -7.29
CA LEU C 277 5.10 42.26 -6.26
C LEU C 277 4.60 43.70 -6.37
N GLY C 278 4.20 44.10 -7.58
CA GLY C 278 3.49 45.36 -7.79
C GLY C 278 2.15 45.34 -7.10
N VAL C 279 1.49 44.18 -7.17
CA VAL C 279 0.26 43.93 -6.44
C VAL C 279 0.57 43.82 -4.92
N GLY C 280 1.75 43.31 -4.60
CA GLY C 280 2.26 43.39 -3.24
C GLY C 280 2.14 44.80 -2.67
N ALA C 281 2.90 45.71 -3.25
CA ALA C 281 2.90 47.12 -2.84
C ALA C 281 1.48 47.68 -2.64
N GLY C 282 0.59 47.36 -3.57
CA GLY C 282 -0.81 47.78 -3.49
C GLY C 282 -1.43 47.42 -2.16
N ALA C 283 -1.66 46.12 -1.95
CA ALA C 283 -2.25 45.62 -0.70
C ALA C 283 -1.45 46.00 0.57
N LEU C 284 -0.15 46.24 0.43
CA LEU C 284 0.68 46.63 1.57
C LEU C 284 0.53 48.13 1.85
N ALA C 285 0.81 48.96 0.84
CA ALA C 285 0.70 50.40 1.00
C ALA C 285 -0.71 50.73 1.49
N ALA C 286 -1.73 50.26 0.76
CA ALA C 286 -3.14 50.49 1.16
C ALA C 286 -3.67 49.50 2.23
N GLY C 287 -2.77 48.76 2.87
CA GLY C 287 -3.09 47.97 4.06
C GLY C 287 -4.34 47.10 3.99
N GLU C 288 -4.58 46.47 2.84
CA GLU C 288 -5.63 45.45 2.73
C GLU C 288 -4.99 44.10 3.04
N ARG C 289 -5.81 43.06 3.07
CA ARG C 289 -5.33 41.68 3.08
C ARG C 289 -5.24 41.23 1.62
N ALA C 290 -4.31 40.31 1.39
CA ALA C 290 -4.09 39.76 0.07
C ALA C 290 -3.28 38.48 0.20
N ASP C 291 -3.82 37.40 -0.36
CA ASP C 291 -3.07 36.18 -0.63
C ASP C 291 -2.90 36.12 -2.16
N ILE C 292 -1.68 36.34 -2.63
CA ILE C 292 -1.41 36.52 -4.05
C ILE C 292 -0.75 35.28 -4.68
N ALA C 293 -1.47 34.66 -5.61
CA ALA C 293 -1.04 33.40 -6.20
C ALA C 293 -0.44 33.64 -7.60
N LEU C 294 0.71 33.04 -7.84
CA LEU C 294 1.45 33.29 -9.07
C LEU C 294 2.02 32.00 -9.68
N VAL C 295 1.99 31.92 -11.01
CA VAL C 295 2.42 30.74 -11.72
C VAL C 295 3.94 30.64 -11.97
N VAL C 296 4.46 29.44 -11.79
CA VAL C 296 5.79 29.09 -12.24
C VAL C 296 5.59 28.10 -13.40
N ALA C 297 5.54 28.65 -14.59
CA ALA C 297 5.06 27.93 -15.76
C ALA C 297 6.10 26.91 -16.19
N ASP C 298 7.38 27.29 -16.12
CA ASP C 298 8.50 26.34 -16.32
C ASP C 298 9.69 26.66 -15.45
N ALA C 299 10.64 25.74 -15.42
CA ALA C 299 11.82 25.85 -14.60
C ALA C 299 12.95 26.43 -15.43
N GLY C 300 14.10 26.64 -14.81
CA GLY C 300 15.18 27.34 -15.48
C GLY C 300 16.00 26.50 -16.41
N TRP C 301 15.76 25.19 -16.43
CA TRP C 301 16.58 24.27 -17.22
C TRP C 301 16.78 24.71 -18.68
N LYS C 302 15.70 25.07 -19.38
CA LYS C 302 15.80 25.44 -20.80
C LYS C 302 16.44 26.81 -21.12
N TYR C 303 16.73 27.60 -20.07
CA TYR C 303 17.29 28.95 -20.24
C TYR C 303 18.75 29.14 -19.80
N LEU C 304 19.42 28.08 -19.35
CA LEU C 304 20.83 28.20 -18.94
C LEU C 304 21.77 28.54 -20.08
N SER C 305 21.47 28.06 -21.29
CA SER C 305 22.26 28.31 -22.49
C SER C 305 22.27 29.78 -22.87
N THR C 306 21.31 30.53 -22.36
CA THR C 306 21.13 31.91 -22.75
C THR C 306 22.00 32.82 -21.96
N GLY C 307 22.27 32.45 -20.72
CA GLY C 307 23.18 33.19 -19.86
C GLY C 307 22.45 34.09 -18.89
N ALA C 308 21.17 33.82 -18.63
CA ALA C 308 20.36 34.64 -17.76
C ALA C 308 20.47 34.28 -16.27
N TYR C 309 21.43 33.42 -15.92
CA TYR C 309 21.62 33.03 -14.53
C TYR C 309 23.08 33.10 -14.06
N ARG D 6 -0.83 22.26 -0.18
CA ARG D 6 -0.24 23.56 0.27
C ARG D 6 1.06 23.36 1.03
N TYR D 7 2.03 24.26 0.82
CA TYR D 7 3.30 24.20 1.51
C TYR D 7 3.80 25.63 1.87
N ASP D 8 4.41 25.73 3.06
CA ASP D 8 5.02 26.96 3.57
C ASP D 8 6.41 27.22 3.01
N SER D 9 6.99 26.21 2.39
CA SER D 9 8.36 26.25 1.93
C SER D 9 8.53 25.18 0.86
N LEU D 10 9.31 25.48 -0.18
CA LEU D 10 9.70 24.49 -1.17
C LEU D 10 10.32 23.24 -0.52
N LEU D 11 11.01 23.40 0.62
CA LEU D 11 11.51 22.25 1.40
C LEU D 11 10.40 21.24 1.74
N GLN D 12 9.18 21.72 1.95
CA GLN D 12 8.07 20.82 2.27
C GLN D 12 7.48 20.14 1.05
N ALA D 13 7.53 20.78 -0.13
CA ALA D 13 7.08 20.17 -1.38
C ALA D 13 8.10 19.16 -1.83
N LEU D 14 8.22 18.11 -1.03
CA LEU D 14 9.24 17.07 -1.12
C LEU D 14 8.50 15.76 -0.90
N GLY D 15 8.98 14.69 -1.49
CA GLY D 15 8.37 13.38 -1.29
C GLY D 15 7.02 13.27 -1.96
N ASN D 16 6.32 12.21 -1.59
CA ASN D 16 5.07 11.77 -2.19
C ASN D 16 5.05 11.92 -3.71
N THR D 17 6.11 11.37 -4.31
CA THR D 17 6.36 11.41 -5.74
C THR D 17 5.55 10.34 -6.47
N PRO D 18 5.11 10.63 -7.71
CA PRO D 18 4.26 9.69 -8.42
C PRO D 18 4.94 8.41 -8.82
N LEU D 19 4.13 7.37 -9.00
CA LEU D 19 4.59 6.05 -9.42
C LEU D 19 3.95 5.76 -10.78
N VAL D 20 4.73 5.43 -11.80
CA VAL D 20 4.16 5.31 -13.14
C VAL D 20 4.41 3.95 -13.76
N GLY D 21 3.33 3.23 -14.00
CA GLY D 21 3.33 1.98 -14.75
C GLY D 21 3.80 2.22 -16.15
N LEU D 22 4.57 1.26 -16.66
CA LEU D 22 5.26 1.33 -17.95
C LEU D 22 4.73 0.27 -18.88
N GLN D 23 3.57 0.54 -19.46
CA GLN D 23 2.83 -0.49 -20.19
C GLN D 23 3.52 -0.89 -21.45
N ARG D 24 4.20 0.05 -22.10
CA ARG D 24 4.81 -0.21 -23.39
C ARG D 24 6.14 -0.91 -23.21
N LEU D 25 6.74 -0.73 -22.04
CA LEU D 25 8.12 -1.16 -21.84
C LEU D 25 8.23 -2.43 -21.02
N SER D 26 7.27 -2.67 -20.14
CA SER D 26 7.26 -3.90 -19.37
C SER D 26 7.26 -5.10 -20.32
N PRO D 27 7.90 -6.19 -19.90
CA PRO D 27 7.86 -7.45 -20.67
C PRO D 27 6.42 -7.99 -20.94
N ARG D 28 5.50 -7.75 -20.02
CA ARG D 28 4.10 -8.15 -20.16
C ARG D 28 3.31 -7.38 -19.14
N TRP D 29 2.75 -6.25 -19.54
CA TRP D 29 1.86 -5.48 -18.69
C TRP D 29 0.52 -6.19 -18.37
N ASP D 30 -0.14 -6.70 -19.39
CA ASP D 30 -1.48 -7.20 -19.24
C ASP D 30 -1.44 -8.60 -18.72
N ASP D 31 -2.52 -8.95 -18.02
CA ASP D 31 -2.84 -10.31 -17.74
C ASP D 31 -3.77 -10.75 -18.87
N ASP D 34 -2.28 -17.31 -21.05
CA ASP D 34 -0.93 -16.92 -21.47
C ASP D 34 0.13 -16.77 -20.32
N GLY D 35 -0.30 -16.53 -19.09
CA GLY D 35 0.62 -16.51 -17.95
C GLY D 35 0.78 -15.15 -17.28
N PRO D 36 1.32 -15.12 -16.06
CA PRO D 36 1.37 -13.94 -15.18
C PRO D 36 2.09 -12.69 -15.74
N HIS D 37 1.65 -11.51 -15.29
CA HIS D 37 2.26 -10.26 -15.74
C HIS D 37 3.69 -10.02 -15.22
N VAL D 38 4.48 -9.29 -15.98
CA VAL D 38 5.76 -8.83 -15.49
C VAL D 38 5.74 -7.32 -15.73
N ARG D 39 5.61 -6.53 -14.66
CA ARG D 39 5.38 -5.10 -14.79
C ARG D 39 6.49 -4.22 -14.24
N LEU D 40 6.68 -3.07 -14.88
CA LEU D 40 7.62 -2.04 -14.44
C LEU D 40 6.88 -0.74 -14.12
N TRP D 41 7.23 -0.18 -12.96
CA TRP D 41 6.64 1.01 -12.41
C TRP D 41 7.74 1.95 -12.04
N ALA D 42 7.78 3.08 -12.70
CA ALA D 42 8.80 4.06 -12.45
C ALA D 42 8.37 5.02 -11.30
N LYS D 43 9.27 5.25 -10.34
CA LYS D 43 9.02 6.22 -9.25
C LYS D 43 9.75 7.54 -9.48
N LEU D 44 8.99 8.57 -9.82
CA LEU D 44 9.54 9.80 -10.40
C LEU D 44 10.16 10.73 -9.38
N GLU D 45 11.39 10.45 -8.98
CA GLU D 45 12.04 11.27 -7.92
C GLU D 45 12.55 12.64 -8.39
N ASP D 46 12.32 12.96 -9.66
CA ASP D 46 12.58 14.30 -10.17
C ASP D 46 11.51 15.29 -9.79
N ARG D 47 10.34 14.81 -9.39
CA ARG D 47 9.29 15.68 -8.81
C ARG D 47 9.65 16.03 -7.35
N ASN D 48 10.54 16.97 -7.19
CA ASN D 48 11.16 17.24 -5.89
C ASN D 48 11.81 18.62 -6.01
N PRO D 49 12.01 19.33 -4.90
CA PRO D 49 12.48 20.71 -4.87
C PRO D 49 13.46 21.12 -5.94
N THR D 50 14.52 20.34 -6.14
CA THR D 50 15.58 20.69 -7.10
C THR D 50 15.77 19.68 -8.22
N GLY D 51 14.84 18.75 -8.41
CA GLY D 51 14.90 17.85 -9.54
C GLY D 51 15.67 16.54 -9.38
N SER D 52 15.99 16.19 -8.12
CA SER D 52 16.65 14.90 -7.82
C SER D 52 16.16 14.26 -6.52
N ILE D 53 16.38 12.96 -6.40
CA ILE D 53 16.09 12.25 -5.16
C ILE D 53 16.92 12.72 -3.97
N LYS D 54 17.98 13.50 -4.22
CA LYS D 54 18.88 13.93 -3.11
C LYS D 54 18.19 14.96 -2.21
N ASP D 55 17.10 15.54 -2.68
CA ASP D 55 16.25 16.38 -1.87
C ASP D 55 15.90 15.68 -0.56
N ARG D 56 15.53 14.40 -0.63
CA ARG D 56 15.12 13.66 0.59
C ARG D 56 16.20 13.57 1.67
N PRO D 57 17.37 12.94 1.37
CA PRO D 57 18.40 12.82 2.41
C PRO D 57 19.06 14.14 2.75
N ALA D 58 19.24 15.01 1.75
CA ALA D 58 19.83 16.32 2.01
C ALA D 58 18.99 17.13 3.02
N VAL D 59 17.73 17.36 2.70
CA VAL D 59 16.91 18.11 3.63
C VAL D 59 17.00 17.42 4.97
N ARG D 60 16.84 16.10 4.98
CA ARG D 60 16.77 15.41 6.25
C ARG D 60 18.08 15.52 7.06
N MET D 61 19.21 15.64 6.38
CA MET D 61 20.47 15.76 7.09
C MET D 61 20.62 17.10 7.77
N ILE D 62 20.17 18.14 7.10
CA ILE D 62 20.27 19.48 7.63
C ILE D 62 19.41 19.61 8.88
N GLU D 63 18.19 19.10 8.78
CA GLU D 63 17.23 19.31 9.83
C GLU D 63 17.54 18.48 11.05
N GLN D 64 18.07 17.28 10.87
CA GLN D 64 18.52 16.48 12.04
C GLN D 64 19.78 17.10 12.69
N ALA D 65 20.55 17.85 11.93
CA ALA D 65 21.71 18.55 12.49
C ALA D 65 21.32 19.86 13.17
N GLU D 66 20.40 20.61 12.55
CA GLU D 66 19.74 21.70 13.27
C GLU D 66 19.10 21.23 14.57
N ALA D 67 18.47 20.06 14.59
CA ALA D 67 17.94 19.54 15.86
C ALA D 67 19.03 19.03 16.79
N ASP D 68 20.24 18.86 16.31
CA ASP D 68 21.31 18.38 17.19
C ASP D 68 22.14 19.50 17.79
N GLY D 69 21.82 20.74 17.43
CA GLY D 69 22.58 21.89 17.94
C GLY D 69 23.95 22.00 17.30
N LEU D 70 24.17 21.27 16.20
CA LEU D 70 25.43 21.31 15.47
C LEU D 70 25.39 22.35 14.37
N LEU D 71 24.21 22.55 13.79
CA LEU D 71 24.05 23.60 12.80
C LEU D 71 23.61 24.83 13.55
N ARG D 72 24.30 25.92 13.26
CA ARG D 72 24.11 27.21 13.91
C ARG D 72 24.08 28.25 12.80
N PRO D 73 23.12 29.19 12.86
CA PRO D 73 22.89 30.08 11.70
C PRO D 73 24.17 30.73 11.17
N GLY D 74 24.25 30.90 9.85
CA GLY D 74 25.42 31.45 9.20
C GLY D 74 26.64 30.53 9.15
N ALA D 75 26.44 29.24 9.45
CA ALA D 75 27.53 28.23 9.39
C ALA D 75 27.97 27.88 7.97
N THR D 76 29.21 27.42 7.87
CA THR D 76 29.71 26.86 6.62
C THR D 76 29.49 25.36 6.58
N ILE D 77 28.81 24.91 5.53
CA ILE D 77 28.53 23.48 5.30
C ILE D 77 29.49 22.96 4.24
N LEU D 78 29.97 21.73 4.42
CA LEU D 78 30.95 21.14 3.49
C LEU D 78 30.48 19.76 3.07
N GLU D 79 30.53 19.49 1.78
CA GLU D 79 30.06 18.24 1.27
C GLU D 79 30.80 17.83 0.01
N PRO D 80 31.26 16.59 -0.02
CA PRO D 80 31.68 16.02 -1.28
C PRO D 80 30.45 15.55 -2.05
N THR D 81 30.39 15.82 -3.34
CA THR D 81 29.26 15.35 -4.10
C THR D 81 29.59 15.41 -5.56
N SER D 82 28.85 14.62 -6.34
CA SER D 82 28.89 14.70 -7.79
C SER D 82 27.84 15.68 -8.34
N GLY D 83 27.09 16.32 -7.46
CA GLY D 83 26.32 17.50 -7.86
C GLY D 83 24.84 17.51 -7.54
N ASN D 84 24.22 16.34 -7.36
CA ASN D 84 22.82 16.29 -6.97
C ASN D 84 22.62 16.69 -5.53
N THR D 85 23.38 16.08 -4.63
CA THR D 85 23.35 16.45 -3.23
C THR D 85 23.79 17.92 -3.09
N GLY D 86 24.90 18.26 -3.73
CA GLY D 86 25.35 19.64 -3.74
C GLY D 86 24.20 20.62 -3.90
N ILE D 87 23.45 20.42 -5.00
CA ILE D 87 22.33 21.27 -5.36
C ILE D 87 21.19 21.23 -4.32
N SER D 88 20.94 20.07 -3.74
CA SER D 88 19.90 20.04 -2.69
C SER D 88 20.31 20.90 -1.50
N LEU D 89 21.54 20.71 -1.07
CA LEU D 89 22.06 21.49 0.02
C LEU D 89 22.09 22.96 -0.35
N ALA D 90 22.59 23.29 -1.53
CA ALA D 90 22.63 24.68 -1.95
C ALA D 90 21.28 25.37 -1.72
N MET D 91 20.23 24.73 -2.19
CA MET D 91 18.88 25.29 -2.08
C MET D 91 18.53 25.50 -0.62
N ALA D 92 18.65 24.46 0.18
CA ALA D 92 18.40 24.63 1.62
C ALA D 92 19.29 25.71 2.19
N ALA D 93 20.59 25.61 1.94
CA ALA D 93 21.56 26.59 2.43
C ALA D 93 21.00 28.00 2.25
N ARG D 94 20.62 28.30 1.01
CA ARG D 94 20.07 29.60 0.63
C ARG D 94 18.86 29.93 1.46
N LEU D 95 17.97 28.96 1.59
CA LEU D 95 16.75 29.13 2.36
C LEU D 95 16.95 29.24 3.86
N LYS D 96 18.16 29.01 4.36
CA LYS D 96 18.35 28.80 5.79
C LYS D 96 19.46 29.63 6.48
N GLY D 97 20.38 30.20 5.70
CA GLY D 97 21.39 31.12 6.22
C GLY D 97 22.79 30.61 6.10
N TYR D 98 22.93 29.37 5.60
CA TYR D 98 24.21 28.66 5.59
C TYR D 98 24.99 28.87 4.31
N ARG D 99 26.30 28.96 4.45
CA ARG D 99 27.22 28.92 3.31
C ARG D 99 27.63 27.47 3.01
N LEU D 100 27.74 27.14 1.73
CA LEU D 100 28.01 25.77 1.28
C LEU D 100 29.21 25.69 0.36
N ILE D 101 30.08 24.74 0.66
CA ILE D 101 31.22 24.43 -0.17
C ILE D 101 31.12 22.97 -0.61
N CYS D 102 31.12 22.77 -1.93
CA CYS D 102 31.10 21.42 -2.49
C CYS D 102 32.46 21.04 -3.01
N VAL D 103 32.92 19.83 -2.69
CA VAL D 103 34.11 19.25 -3.32
C VAL D 103 33.63 18.26 -4.36
N MET D 104 33.76 18.62 -5.62
CA MET D 104 33.16 17.89 -6.74
C MET D 104 34.23 17.31 -7.70
N PRO D 105 33.93 16.18 -8.39
CA PRO D 105 34.75 15.75 -9.52
C PRO D 105 34.80 16.72 -10.70
N GLU D 106 36.03 17.02 -11.13
CA GLU D 106 36.34 17.86 -12.30
C GLU D 106 35.49 17.58 -13.53
N ASN D 107 35.18 16.32 -13.81
CA ASN D 107 34.43 15.96 -15.01
C ASN D 107 32.90 15.89 -14.83
N THR D 108 32.33 16.91 -14.17
CA THR D 108 30.88 16.98 -13.94
C THR D 108 30.16 17.95 -14.90
N SER D 109 28.92 17.65 -15.27
CA SER D 109 28.22 18.46 -16.28
C SER D 109 28.24 19.96 -15.94
N VAL D 110 28.31 20.77 -16.99
CA VAL D 110 28.29 22.23 -16.89
C VAL D 110 27.02 22.74 -16.23
N GLU D 111 25.95 21.94 -16.29
CA GLU D 111 24.70 22.32 -15.69
C GLU D 111 24.81 22.24 -14.21
N ARG D 112 25.60 21.28 -13.73
CA ARG D 112 25.79 21.17 -12.30
C ARG D 112 26.39 22.43 -11.71
N ARG D 113 27.55 22.82 -12.20
CA ARG D 113 28.19 24.03 -11.71
C ARG D 113 27.46 25.35 -11.99
N GLN D 114 26.64 25.38 -13.02
CA GLN D 114 25.85 26.58 -13.33
C GLN D 114 24.81 26.77 -12.26
N LEU D 115 24.13 25.68 -11.93
CA LEU D 115 23.11 25.75 -10.94
C LEU D 115 23.72 25.92 -9.54
N LEU D 116 24.88 25.31 -9.28
CA LEU D 116 25.48 25.47 -7.97
C LEU D 116 25.89 26.91 -7.75
N GLU D 117 26.52 27.49 -8.77
CA GLU D 117 27.05 28.85 -8.70
C GLU D 117 25.90 29.82 -8.52
N LEU D 118 24.81 29.55 -9.24
CA LEU D 118 23.57 30.29 -9.12
C LEU D 118 22.97 30.29 -7.72
N TYR D 119 23.08 29.18 -6.99
CA TYR D 119 22.65 29.11 -5.59
C TYR D 119 23.70 29.69 -4.66
N GLY D 120 24.90 29.93 -5.16
CA GLY D 120 25.93 30.67 -4.41
C GLY D 120 26.83 29.80 -3.57
N ALA D 121 27.17 28.62 -4.10
CA ALA D 121 28.00 27.65 -3.41
C ALA D 121 29.40 27.64 -4.05
N GLN D 122 30.47 27.64 -3.24
CA GLN D 122 31.83 27.48 -3.77
C GLN D 122 31.92 26.06 -4.23
N ILE D 123 32.65 25.84 -5.31
CA ILE D 123 33.00 24.50 -5.71
C ILE D 123 34.50 24.40 -5.69
N ILE D 124 35.01 23.42 -4.94
CA ILE D 124 36.36 22.92 -5.14
C ILE D 124 36.26 21.70 -6.05
N PHE D 125 36.81 21.82 -7.26
CA PHE D 125 36.84 20.73 -8.25
C PHE D 125 38.09 19.88 -8.06
N SER D 126 37.91 18.55 -8.06
CA SER D 126 38.98 17.59 -7.80
C SER D 126 39.43 16.87 -9.09
N ALA D 127 40.72 17.01 -9.40
CA ALA D 127 41.29 16.52 -10.66
C ALA D 127 41.27 15.01 -10.85
N ALA D 128 41.10 14.57 -12.09
CA ALA D 128 40.85 13.16 -12.44
C ALA D 128 42.11 12.34 -12.70
N ASN D 133 43.99 13.05 -2.61
CA ASN D 133 43.76 13.20 -4.07
C ASN D 133 42.28 13.12 -4.55
N THR D 134 41.44 12.24 -4.00
CA THR D 134 40.06 12.14 -4.51
C THR D 134 39.14 13.07 -3.73
N ALA D 135 37.91 13.23 -4.20
CA ALA D 135 37.00 14.21 -3.63
C ALA D 135 36.49 13.88 -2.22
N VAL D 136 36.21 12.63 -1.87
CA VAL D 136 35.87 12.31 -0.47
C VAL D 136 37.07 12.45 0.46
N ALA D 137 38.21 11.94 0.04
CA ALA D 137 39.41 12.07 0.84
C ALA D 137 39.63 13.53 1.26
N THR D 138 39.52 14.44 0.29
CA THR D 138 39.84 15.87 0.53
C THR D 138 38.82 16.55 1.45
N ALA D 139 37.54 16.25 1.26
CA ALA D 139 36.50 16.76 2.12
C ALA D 139 36.79 16.32 3.55
N LYS D 140 37.06 15.03 3.71
CA LYS D 140 37.43 14.48 5.02
C LYS D 140 38.62 15.21 5.63
N GLU D 141 39.62 15.52 4.81
CA GLU D 141 40.76 16.30 5.30
C GLU D 141 40.36 17.71 5.66
N LEU D 142 39.61 18.33 4.75
CA LEU D 142 39.11 19.69 4.97
C LEU D 142 38.27 19.78 6.24
N ALA D 143 37.42 18.79 6.51
CA ALA D 143 36.56 18.84 7.72
C ALA D 143 37.37 18.79 9.02
N ALA D 144 38.40 17.97 9.01
CA ALA D 144 39.33 17.89 10.15
C ALA D 144 40.09 19.21 10.40
N THR D 145 40.71 19.72 9.35
CA THR D 145 41.49 20.96 9.40
C THR D 145 40.66 22.23 9.67
N ASN D 146 39.39 22.25 9.25
CA ASN D 146 38.50 23.39 9.53
C ASN D 146 37.33 22.96 10.41
N PRO D 147 37.59 22.76 11.72
CA PRO D 147 36.57 22.13 12.61
C PRO D 147 35.26 22.92 12.79
N SER D 148 35.24 24.21 12.47
CA SER D 148 34.00 25.00 12.55
C SER D 148 33.03 24.73 11.37
N TRP D 149 33.60 24.25 10.25
CA TRP D 149 32.81 23.73 9.12
C TRP D 149 32.03 22.50 9.58
N VAL D 150 30.81 22.33 9.08
CA VAL D 150 30.03 21.12 9.29
C VAL D 150 30.00 20.30 8.00
N MET D 151 30.52 19.09 8.09
CA MET D 151 30.37 18.17 7.01
C MET D 151 29.26 17.18 7.42
N LEU D 152 28.06 17.45 6.93
CA LEU D 152 26.95 16.52 7.04
C LEU D 152 27.39 15.11 6.67
N TYR D 153 27.89 14.90 5.46
CA TYR D 153 28.57 13.63 5.04
C TYR D 153 27.58 12.51 4.69
N GLN D 154 27.00 12.66 3.49
CA GLN D 154 25.97 11.79 2.93
C GLN D 154 26.35 10.32 2.80
N TYR D 155 27.61 9.97 2.98
CA TYR D 155 28.08 8.58 2.79
C TYR D 155 28.06 7.77 4.09
N GLY D 156 27.98 8.48 5.21
CA GLY D 156 27.89 7.89 6.54
C GLY D 156 26.78 8.45 7.38
N ASN D 157 26.14 9.52 6.95
CA ASN D 157 25.13 10.11 7.81
C ASN D 157 23.81 9.30 7.77
N PRO D 158 23.37 8.75 8.93
CA PRO D 158 22.21 7.85 8.87
C PRO D 158 20.89 8.57 8.63
N ALA D 159 20.89 9.89 8.52
CA ALA D 159 19.68 10.61 8.08
C ALA D 159 19.42 10.44 6.56
N ASN D 160 20.42 9.93 5.84
CA ASN D 160 20.28 9.64 4.43
C ASN D 160 19.42 8.37 4.28
N THR D 161 19.85 7.31 4.95
CA THR D 161 19.13 6.07 4.92
C THR D 161 17.72 6.29 5.44
N ASP D 162 17.58 7.08 6.50
CA ASP D 162 16.29 7.23 7.12
C ASP D 162 15.29 7.99 6.22
N SER D 163 15.76 8.92 5.41
CA SER D 163 14.86 9.69 4.56
C SER D 163 14.12 8.76 3.60
N HIS D 164 14.77 7.63 3.33
CA HIS D 164 14.26 6.62 2.42
C HIS D 164 13.44 5.56 3.18
N TYR D 165 13.97 5.11 4.33
CA TYR D 165 13.22 4.26 5.26
C TYR D 165 11.87 4.87 5.71
N CYS D 166 11.87 6.19 5.94
CA CYS D 166 10.68 6.90 6.39
C CYS D 166 9.90 7.59 5.24
N GLY D 167 10.47 7.65 4.04
CA GLY D 167 9.78 8.31 2.93
C GLY D 167 9.59 7.41 1.72
N THR D 168 10.68 7.18 0.98
CA THR D 168 10.63 6.46 -0.30
C THR D 168 9.94 5.09 -0.24
N GLY D 169 10.40 4.23 0.66
CA GLY D 169 9.90 2.88 0.80
C GLY D 169 8.50 2.73 1.34
N PRO D 170 8.12 3.55 2.33
CA PRO D 170 6.73 3.59 2.79
C PRO D 170 5.79 4.13 1.74
N GLU D 171 6.19 5.18 1.03
CA GLU D 171 5.35 5.67 -0.07
C GLU D 171 5.14 4.59 -1.08
N LEU D 172 6.23 3.88 -1.35
CA LEU D 172 6.30 2.87 -2.37
C LEU D 172 5.44 1.64 -2.07
N LEU D 173 5.43 1.20 -0.81
CA LEU D 173 4.59 0.08 -0.43
C LEU D 173 3.12 0.46 -0.42
N ALA D 174 2.82 1.72 -0.12
CA ALA D 174 1.45 2.22 -0.18
C ALA D 174 0.92 2.17 -1.62
N ASP D 175 1.72 2.60 -2.62
CA ASP D 175 1.24 2.60 -4.02
C ASP D 175 1.46 1.27 -4.73
N LEU D 176 2.43 0.47 -4.28
CA LEU D 176 2.68 -0.83 -4.89
C LEU D 176 2.73 -1.93 -3.85
N PRO D 177 1.58 -2.17 -3.22
CA PRO D 177 1.42 -3.27 -2.28
C PRO D 177 1.79 -4.62 -2.87
N GLU D 178 1.65 -4.78 -4.18
CA GLU D 178 2.06 -6.03 -4.86
C GLU D 178 3.55 -6.09 -5.23
N ILE D 179 4.38 -5.20 -4.67
CA ILE D 179 5.79 -5.16 -5.02
C ILE D 179 6.50 -6.49 -4.79
N THR D 180 7.25 -6.91 -5.81
CA THR D 180 8.11 -8.10 -5.75
C THR D 180 9.59 -7.78 -5.86
N HIS D 181 9.91 -6.63 -6.46
CA HIS D 181 11.27 -6.19 -6.66
C HIS D 181 11.37 -4.66 -6.52
N PHE D 182 12.48 -4.18 -5.98
CA PHE D 182 12.84 -2.76 -6.00
C PHE D 182 14.22 -2.61 -6.62
N VAL D 183 14.35 -1.74 -7.64
CA VAL D 183 15.63 -1.58 -8.38
C VAL D 183 16.03 -0.12 -8.39
N ALA D 184 17.25 0.15 -7.96
CA ALA D 184 17.78 1.51 -7.91
C ALA D 184 19.30 1.54 -8.15
N GLY D 185 19.81 2.76 -8.26
CA GLY D 185 21.24 2.98 -8.28
C GLY D 185 21.89 2.84 -6.92
N LEU D 186 23.08 2.27 -6.91
CA LEU D 186 23.83 2.08 -5.71
C LEU D 186 24.94 3.13 -5.76
N GLY D 187 24.77 4.17 -4.95
CA GLY D 187 25.75 5.26 -4.81
C GLY D 187 26.21 5.51 -3.38
N THR D 188 25.62 6.50 -2.70
CA THR D 188 25.80 6.67 -1.26
C THR D 188 25.26 5.42 -0.53
N THR D 189 24.34 4.75 -1.22
CA THR D 189 23.67 3.50 -0.83
C THR D 189 22.41 3.74 -0.06
N GLY D 190 22.14 4.98 0.33
CA GLY D 190 20.98 5.33 1.12
C GLY D 190 19.65 4.91 0.50
N THR D 191 19.50 5.04 -0.81
CA THR D 191 18.20 4.69 -1.40
C THR D 191 17.91 3.22 -1.13
N LEU D 192 18.87 2.38 -1.45
CA LEU D 192 18.69 0.93 -1.32
C LEU D 192 18.74 0.44 0.13
N MET D 193 19.61 1.00 0.93
CA MET D 193 19.68 0.56 2.31
C MET D 193 18.39 0.90 3.05
N GLY D 194 17.91 2.13 2.93
CA GLY D 194 16.71 2.57 3.59
C GLY D 194 15.44 1.96 3.00
N THR D 195 15.33 1.89 1.66
CA THR D 195 14.11 1.38 1.04
C THR D 195 14.08 -0.13 1.13
N GLY D 196 15.26 -0.76 1.05
CA GLY D 196 15.38 -2.22 1.12
C GLY D 196 15.05 -2.75 2.50
N ARG D 197 15.56 -2.10 3.55
CA ARG D 197 15.24 -2.48 4.91
C ARG D 197 13.73 -2.32 5.16
N PHE D 198 13.13 -1.21 4.72
CA PHE D 198 11.73 -1.04 4.99
C PHE D 198 10.91 -2.12 4.27
N LEU D 199 11.16 -2.32 2.97
CA LEU D 199 10.37 -3.27 2.19
C LEU D 199 10.59 -4.71 2.66
N ARG D 200 11.82 -5.01 3.08
CA ARG D 200 12.16 -6.37 3.52
C ARG D 200 11.52 -6.69 4.85
N GLU D 201 11.43 -5.69 5.72
CA GLU D 201 10.66 -5.78 6.95
C GLU D 201 9.15 -5.92 6.73
N HIS D 202 8.62 -5.52 5.58
CA HIS D 202 7.16 -5.58 5.32
C HIS D 202 6.68 -6.50 4.18
N VAL D 203 7.58 -7.08 3.38
CA VAL D 203 7.17 -7.88 2.24
C VAL D 203 8.07 -9.10 2.14
N ALA D 204 7.47 -10.28 2.31
CA ALA D 204 8.22 -11.53 2.24
C ALA D 204 8.78 -11.76 0.84
N ASN D 205 10.02 -12.23 0.79
CA ASN D 205 10.66 -12.58 -0.47
C ASN D 205 10.95 -11.40 -1.43
N VAL D 206 10.88 -10.16 -0.94
CA VAL D 206 11.08 -9.00 -1.80
C VAL D 206 12.56 -8.93 -2.17
N LYS D 207 12.83 -8.73 -3.47
CA LYS D 207 14.21 -8.55 -3.99
C LYS D 207 14.55 -7.06 -3.96
N ILE D 208 15.74 -6.75 -3.46
CA ILE D 208 16.29 -5.39 -3.47
C ILE D 208 17.49 -5.46 -4.40
N VAL D 209 17.43 -4.76 -5.52
CA VAL D 209 18.42 -4.93 -6.59
C VAL D 209 19.24 -3.68 -6.84
N ALA D 210 20.56 -3.78 -6.72
CA ALA D 210 21.45 -2.65 -7.06
C ALA D 210 21.67 -2.53 -8.55
N ALA D 211 21.93 -1.31 -9.02
CA ALA D 211 22.56 -1.13 -10.33
C ALA D 211 23.74 -0.19 -10.14
N GLU D 212 24.87 -0.53 -10.75
CA GLU D 212 26.07 0.28 -10.66
C GLU D 212 26.89 0.21 -11.97
N PRO D 213 27.76 1.21 -12.22
CA PRO D 213 28.56 1.17 -13.45
C PRO D 213 29.52 -0.02 -13.52
N ARG D 214 29.72 -0.51 -14.73
CA ARG D 214 30.51 -1.71 -14.98
C ARG D 214 31.97 -1.38 -14.75
N TYR D 220 35.57 6.17 -21.88
CA TYR D 220 34.19 5.75 -22.15
C TYR D 220 33.29 5.31 -20.95
N ALA D 221 33.81 5.24 -19.74
CA ALA D 221 33.04 4.68 -18.62
C ALA D 221 31.96 5.62 -18.05
N LEU D 222 30.99 4.97 -17.39
CA LEU D 222 29.98 5.65 -16.62
C LEU D 222 30.56 5.78 -15.21
N ARG D 223 30.35 6.92 -14.56
CA ARG D 223 30.93 7.16 -13.25
C ARG D 223 29.89 7.63 -12.28
N ASN D 224 29.99 7.17 -11.04
CA ASN D 224 29.15 7.67 -9.96
C ASN D 224 29.86 7.81 -8.61
N MET D 225 31.02 7.15 -8.45
CA MET D 225 31.76 7.11 -7.20
C MET D 225 33.29 7.12 -7.43
N ASP D 226 34.03 7.45 -6.38
CA ASP D 226 35.47 7.21 -6.35
C ASP D 226 35.76 5.68 -6.31
N GLU D 227 36.74 5.26 -7.10
CA GLU D 227 37.12 3.84 -7.20
C GLU D 227 37.56 3.43 -5.81
N GLY D 228 37.17 2.24 -5.35
CA GLY D 228 37.56 1.77 -4.03
C GLY D 228 36.86 2.32 -2.77
N PHE D 229 36.15 3.44 -2.89
CA PHE D 229 35.49 4.06 -1.72
C PHE D 229 34.18 3.32 -1.46
N VAL D 230 33.96 2.97 -0.19
CA VAL D 230 32.81 2.18 0.19
C VAL D 230 32.06 2.99 1.22
N PRO D 231 30.91 3.57 0.86
CA PRO D 231 30.17 4.34 1.82
C PRO D 231 29.98 3.55 3.09
N GLU D 232 30.13 4.21 4.23
CA GLU D 232 29.91 3.60 5.54
C GLU D 232 28.44 3.13 5.74
N LEU D 233 27.50 3.79 5.06
CA LEU D 233 26.09 3.38 5.12
C LEU D 233 25.87 1.99 4.56
N TYR D 234 26.70 1.63 3.59
CA TYR D 234 26.51 0.37 2.86
C TYR D 234 26.47 -0.83 3.80
N ASP D 235 25.35 -1.56 3.75
CA ASP D 235 25.21 -2.91 4.31
C ASP D 235 24.92 -3.91 3.20
N PRO D 236 25.90 -4.76 2.83
CA PRO D 236 25.67 -5.74 1.74
C PRO D 236 24.59 -6.80 2.05
N GLU D 237 24.34 -7.04 3.33
CA GLU D 237 23.20 -7.84 3.82
C GLU D 237 21.89 -7.56 3.06
N ILE D 238 21.59 -6.29 2.82
CA ILE D 238 20.29 -5.82 2.26
C ILE D 238 20.10 -6.15 0.77
N LEU D 239 21.17 -6.17 0.02
CA LEU D 239 21.05 -6.37 -1.41
C LEU D 239 20.77 -7.83 -1.74
N THR D 240 19.92 -8.05 -2.74
CA THR D 240 19.62 -9.38 -3.25
C THR D 240 20.37 -9.65 -4.52
N ALA D 241 20.50 -8.62 -5.34
CA ALA D 241 21.28 -8.68 -6.56
C ALA D 241 22.01 -7.38 -6.78
N ARG D 242 23.17 -7.47 -7.43
CA ARG D 242 23.93 -6.30 -7.80
C ARG D 242 24.24 -6.45 -9.30
N TYR D 243 23.71 -5.57 -10.16
CA TYR D 243 23.96 -5.65 -11.60
C TYR D 243 24.82 -4.49 -12.10
N SER D 244 25.83 -4.80 -12.92
CA SER D 244 26.82 -3.82 -13.39
C SER D 244 26.57 -3.45 -14.85
N VAL D 245 26.12 -2.23 -15.07
CA VAL D 245 25.68 -1.83 -16.36
C VAL D 245 26.76 -1.00 -17.06
N GLY D 246 26.94 -1.27 -18.36
CA GLY D 246 27.83 -0.49 -19.23
C GLY D 246 27.22 0.84 -19.64
N ALA D 247 28.06 1.87 -19.67
CA ALA D 247 27.75 3.21 -20.20
C ALA D 247 26.81 3.21 -21.44
N VAL D 248 27.12 2.36 -22.42
CA VAL D 248 26.39 2.31 -23.68
C VAL D 248 24.97 1.79 -23.50
N ASP D 249 24.83 0.72 -22.72
CA ASP D 249 23.50 0.26 -22.37
C ASP D 249 22.74 1.34 -21.55
N ALA D 250 23.46 2.06 -20.69
CA ALA D 250 22.83 3.08 -19.86
C ALA D 250 22.18 4.22 -20.68
N VAL D 251 22.96 4.78 -21.57
CA VAL D 251 22.49 5.78 -22.49
C VAL D 251 21.36 5.22 -23.35
N ARG D 252 21.53 4.03 -23.92
CA ARG D 252 20.52 3.58 -24.88
C ARG D 252 19.17 3.29 -24.16
N ARG D 253 19.25 2.98 -22.86
CA ARG D 253 18.06 2.77 -22.05
C ARG D 253 17.41 4.07 -21.58
N THR D 254 18.18 5.11 -21.27
CA THR D 254 17.60 6.41 -20.98
C THR D 254 16.84 6.89 -22.23
N ARG D 255 17.41 6.67 -23.42
CA ARG D 255 16.78 7.10 -24.67
C ARG D 255 15.58 6.24 -25.02
N GLU D 256 15.61 4.95 -24.74
CA GLU D 256 14.42 4.11 -25.00
C GLU D 256 13.24 4.52 -24.11
N LEU D 257 13.56 4.86 -22.86
CA LEU D 257 12.58 5.21 -21.87
C LEU D 257 11.84 6.51 -22.19
N VAL D 258 12.55 7.51 -22.67
CA VAL D 258 11.87 8.71 -23.14
C VAL D 258 11.12 8.45 -24.47
N HIS D 259 11.66 7.57 -25.34
CA HIS D 259 10.99 7.22 -26.61
C HIS D 259 9.72 6.44 -26.49
N THR D 260 9.64 5.51 -25.54
CA THR D 260 8.45 4.65 -25.46
C THR D 260 7.41 5.06 -24.39
N GLU D 261 7.85 5.77 -23.33
CA GLU D 261 7.00 6.12 -22.19
C GLU D 261 6.95 7.61 -21.82
N GLY D 262 7.78 8.44 -22.43
CA GLY D 262 7.67 9.90 -22.29
C GLY D 262 8.56 10.52 -21.24
N ILE D 263 9.14 9.66 -20.40
CA ILE D 263 9.90 10.09 -19.24
C ILE D 263 11.29 10.52 -19.65
N PHE D 264 11.65 11.72 -19.22
CA PHE D 264 12.88 12.37 -19.57
C PHE D 264 13.80 12.28 -18.35
N ALA D 265 14.53 11.18 -18.27
CA ALA D 265 15.28 10.80 -17.06
C ALA D 265 16.76 11.06 -17.26
N GLY D 266 17.49 11.17 -16.15
CA GLY D 266 18.93 11.25 -16.18
C GLY D 266 19.48 9.89 -16.52
N ILE D 267 20.79 9.74 -16.44
CA ILE D 267 21.45 8.55 -17.00
C ILE D 267 21.44 7.35 -16.05
N SER D 268 21.50 7.63 -14.74
CA SER D 268 21.38 6.57 -13.71
C SER D 268 20.12 5.70 -13.93
N THR D 269 19.03 6.34 -14.32
CA THR D 269 17.75 5.69 -14.56
C THR D 269 17.82 4.76 -15.73
N GLY D 270 18.64 5.12 -16.71
CA GLY D 270 18.91 4.27 -17.86
C GLY D 270 19.45 2.94 -17.36
N ALA D 271 20.37 2.98 -16.38
CA ALA D 271 21.05 1.78 -15.89
C ALA D 271 20.15 0.94 -14.98
N VAL D 272 19.42 1.65 -14.14
CA VAL D 272 18.29 1.11 -13.38
C VAL D 272 17.35 0.38 -14.35
N LEU D 273 16.94 1.06 -15.42
CA LEU D 273 16.03 0.45 -16.39
C LEU D 273 16.61 -0.86 -16.99
N HIS D 274 17.90 -0.85 -17.29
CA HIS D 274 18.57 -2.01 -17.77
C HIS D 274 18.58 -3.12 -16.75
N ALA D 275 18.93 -2.80 -15.52
CA ALA D 275 18.91 -3.83 -14.48
C ALA D 275 17.47 -4.40 -14.35
N ALA D 276 16.48 -3.50 -14.30
CA ALA D 276 15.08 -3.88 -14.10
C ALA D 276 14.52 -4.73 -15.25
N LEU D 277 15.00 -4.49 -16.48
CA LEU D 277 14.60 -5.34 -17.60
C LEU D 277 15.27 -6.74 -17.56
N GLY D 278 16.49 -6.82 -17.04
CA GLY D 278 17.17 -8.11 -16.86
C GLY D 278 16.38 -9.00 -15.93
N VAL D 279 16.03 -8.45 -14.78
CA VAL D 279 15.18 -9.16 -13.81
C VAL D 279 13.87 -9.54 -14.49
N GLY D 280 13.39 -8.64 -15.33
CA GLY D 280 12.10 -8.80 -15.98
C GLY D 280 12.13 -9.96 -16.93
N ALA D 281 13.17 -9.99 -17.77
CA ALA D 281 13.35 -11.10 -18.72
C ALA D 281 13.39 -12.45 -18.00
N GLY D 282 14.00 -12.46 -16.80
CA GLY D 282 14.09 -13.65 -15.99
C GLY D 282 12.74 -14.08 -15.47
N ALA D 283 11.98 -13.15 -14.90
CA ALA D 283 10.65 -13.51 -14.37
C ALA D 283 9.74 -14.03 -15.47
N LEU D 284 9.77 -13.40 -16.65
CA LEU D 284 8.88 -13.75 -17.74
C LEU D 284 9.11 -15.22 -18.15
N ALA D 285 10.38 -15.56 -18.32
CA ALA D 285 10.78 -16.91 -18.72
C ALA D 285 10.64 -17.97 -17.61
N ALA D 286 10.88 -17.61 -16.35
CA ALA D 286 10.53 -18.49 -15.23
C ALA D 286 9.03 -18.64 -15.08
N GLY D 287 8.25 -17.95 -15.91
CA GLY D 287 6.81 -18.07 -15.85
C GLY D 287 6.32 -17.51 -14.54
N GLU D 288 7.03 -16.53 -14.02
CA GLU D 288 6.72 -15.95 -12.72
C GLU D 288 6.17 -14.53 -12.84
N ARG D 289 5.50 -14.10 -11.79
CA ARG D 289 4.89 -12.80 -11.75
C ARG D 289 5.83 -11.86 -11.02
N ALA D 290 5.90 -10.64 -11.53
CA ALA D 290 6.82 -9.66 -11.01
C ALA D 290 6.19 -8.31 -11.15
N ASP D 291 6.29 -7.51 -10.10
CA ASP D 291 5.95 -6.11 -10.17
C ASP D 291 7.16 -5.40 -9.69
N ILE D 292 7.83 -4.71 -10.60
CA ILE D 292 9.16 -4.24 -10.37
C ILE D 292 9.15 -2.73 -10.31
N ALA D 293 9.43 -2.18 -9.12
CA ALA D 293 9.63 -0.75 -8.97
C ALA D 293 11.08 -0.35 -9.22
N LEU D 294 11.25 0.77 -9.87
CA LEU D 294 12.55 1.25 -10.26
C LEU D 294 12.48 2.76 -10.07
N VAL D 295 13.57 3.34 -9.58
CA VAL D 295 13.62 4.74 -9.22
C VAL D 295 14.05 5.47 -10.44
N VAL D 296 13.42 6.64 -10.68
CA VAL D 296 13.91 7.64 -11.66
C VAL D 296 14.50 8.79 -10.87
N ALA D 297 15.79 8.73 -10.61
CA ALA D 297 16.41 9.61 -9.58
C ALA D 297 16.47 11.11 -9.92
N ASP D 298 16.72 11.42 -11.21
CA ASP D 298 16.73 12.80 -11.73
C ASP D 298 16.34 12.84 -13.22
N ALA D 299 16.10 14.05 -13.73
CA ALA D 299 15.68 14.19 -15.12
C ALA D 299 16.93 14.31 -16.01
N GLY D 300 16.74 14.38 -17.34
CA GLY D 300 17.83 14.56 -18.30
C GLY D 300 18.42 15.96 -18.38
N TRP D 301 17.75 16.93 -17.78
CA TRP D 301 18.20 18.31 -17.80
C TRP D 301 19.71 18.48 -17.60
N LYS D 302 20.30 17.78 -16.65
CA LYS D 302 21.70 18.05 -16.33
C LYS D 302 22.71 17.30 -17.19
N TYR D 303 22.23 16.62 -18.21
CA TYR D 303 23.05 15.82 -19.09
C TYR D 303 22.87 16.18 -20.55
N LEU D 304 22.08 17.23 -20.86
CA LEU D 304 21.89 17.67 -22.25
C LEU D 304 23.25 17.96 -22.87
N SER D 305 24.10 18.67 -22.12
CA SER D 305 25.50 18.97 -22.51
C SER D 305 26.38 17.76 -22.88
N THR D 306 26.04 16.55 -22.44
CA THR D 306 26.78 15.36 -22.83
C THR D 306 26.48 14.89 -24.24
N GLY D 307 25.39 15.37 -24.85
CA GLY D 307 24.98 14.90 -26.19
C GLY D 307 24.36 13.52 -26.23
N ALA D 308 24.19 12.93 -25.04
CA ALA D 308 23.53 11.64 -24.88
C ALA D 308 22.09 11.67 -25.39
N TYR D 309 21.48 12.85 -25.38
CA TYR D 309 20.07 13.04 -25.72
C TYR D 309 19.88 13.72 -27.09
N ALA D 310 20.92 13.72 -27.91
CA ALA D 310 20.83 14.36 -29.24
C ALA D 310 19.87 13.56 -30.12
N GLY D 311 19.29 14.23 -31.11
CA GLY D 311 18.31 13.60 -31.98
C GLY D 311 18.81 12.30 -32.53
N SER D 312 20.04 12.27 -33.05
CA SER D 312 20.66 11.02 -33.51
C SER D 312 21.89 10.62 -32.69
N LEU D 313 22.04 9.32 -32.41
CA LEU D 313 23.24 8.82 -31.75
C LEU D 313 23.35 7.30 -31.92
N LEU D 320 29.53 10.81 -24.76
CA LEU D 320 29.89 9.75 -23.85
C LEU D 320 31.37 9.59 -23.55
N GLU D 321 32.23 9.92 -24.50
CA GLU D 321 33.66 9.69 -24.30
C GLU D 321 34.23 10.68 -23.31
N GLY D 322 35.35 10.33 -22.70
CA GLY D 322 35.97 11.17 -21.70
C GLY D 322 35.21 10.92 -20.43
N GLN D 323 34.38 9.89 -20.46
CA GLN D 323 33.61 9.59 -19.31
C GLN D 323 32.49 10.59 -19.09
N LEU D 324 31.45 10.00 -18.50
CA LEU D 324 30.19 10.63 -18.15
C LEU D 324 29.80 10.38 -16.66
N TRP D 325 29.56 11.46 -15.91
CA TRP D 325 29.24 11.39 -14.47
C TRP D 325 27.75 11.56 -14.14
N ALA D 326 27.12 10.45 -13.72
CA ALA D 326 25.68 10.38 -13.50
C ALA D 326 25.32 10.23 -12.03
#